data_6SBQ
#
_entry.id   6SBQ
#
_cell.length_a   75.079
_cell.length_b   109.241
_cell.length_c   113.053
_cell.angle_alpha   90.000
_cell.angle_beta   90.000
_cell.angle_gamma   90.000
#
_symmetry.space_group_name_H-M   'P 21 21 21'
#
loop_
_entity.id
_entity.type
_entity.pdbx_description
1 polymer 'M1-family alanyl aminopeptidase'
2 non-polymer 'ZINC ION'
3 non-polymer [(7~{S})-6,6-bis(oxidanyl)-4-phenyl-5,7,8,9-tetrahydrobenzo[7]annulen-7-yl]azanium
4 non-polymer DI(HYDROXYETHYL)ETHER
5 non-polymer 'MALONATE ION'
6 non-polymer 'SODIUM ION'
7 water water
#
_entity_poly.entity_id   1
_entity_poly.type   'polypeptide(L)'
_entity_poly.pdbx_seq_one_letter_code
;MAHHHHHHVGTGSNDDDDKSPDPENLYFQSKKNEPKIHYRKDYKPSGFIINNVTLNINIHDNETIVRSVLDMDISKHNVG
EDLVFDGVGLKINEISINNKKLVEGEEYTYDNEFLTIFSKFVPKSKFAFSSEVIIHPETNYALTGLYKSKNIIVSQCEAT
GFRRITFFIDRPDMMAKYDVTVTADKEKYPVLLSNGDKVNEFEIPGGRHGARFNDPHLKPCYLFAVVAGDLKHLSATYIT
KYTKKKVELYVFSEEKYVSKLQWALECLKKSMAFDEDYFGLEYDLSRLNLVAVSDFNVGAMENKGLNIFNANSLLASKKN
SIDFSYARILTVVGHEYFHNYTGNRVTLRDWFQLTLKEGLTVHRENLFSEEMTKTVTTRLSHVDLLRSVQFLEDSSPLSH
PIRPESYVSMENFYTTTVYDKGSEVMRMYLTILGEEYYKKGFDIYIKKNDGNTATCEDFNYAMEQAYKMKKADNSANLNQ
YLLWFSQSGTPHVSFKYNYDAEKKQYSIHVNQYTKPDENQKEKKPLFIPISVGLINPENGKEMISQTTLELTKESDTFVF
NNIAVKPIPSLFRGFSAPVYIEDNLTDEERILLLKYDSDAFVRYNSCTNIYMKQILMNYNEFLKAKNEKLESFNLTPVNA
QFIDAIKYLLEDPHADAGFKSYIVSLPQDRYIINFVSNLDTDVLADTKEYIYKQIGDKLNDVYYKMFKSLEAKADDLTYF
NDESHVDFDQMNMRTLRNTLLSLLSKAQYPNILNEIIEHSKSPYPSNWLTSLSVSAYFDKYFELYDKTYKLSKDDELLLQ
EWLKTVSRSDRKDIYEILKKLENEVLKDSKNPNDIRAVYLPFTNNLRRFHDISGKGYKLIAEVITKTDKFNPMVATQLCE
PFKLWNKLDTKRQELMLNEMNTMLQEPNISNNLKEYLLRLTNKL
;
_entity_poly.pdbx_strand_id   A
#
# COMPACT_ATOMS: atom_id res chain seq x y z
CA GLU A 34 9.60 -12.80 -25.27
C GLU A 34 8.43 -13.48 -24.56
N PRO A 35 8.29 -13.21 -23.25
CA PRO A 35 7.21 -13.85 -22.48
C PRO A 35 5.83 -13.41 -22.97
N LYS A 36 4.82 -14.06 -22.42
CA LYS A 36 3.43 -13.83 -22.83
C LYS A 36 2.93 -12.53 -22.21
N ILE A 37 2.54 -11.59 -23.06
CA ILE A 37 2.13 -10.24 -22.65
C ILE A 37 0.64 -10.06 -22.96
N HIS A 38 -0.13 -9.68 -21.93
CA HIS A 38 -1.53 -9.35 -22.09
C HIS A 38 -1.69 -7.85 -22.25
N TYR A 39 -2.59 -7.44 -23.15
CA TYR A 39 -2.76 -6.04 -23.52
C TYR A 39 -4.17 -5.57 -23.23
N ARG A 40 -4.30 -4.36 -22.67
CA ARG A 40 -5.61 -3.84 -22.29
C ARG A 40 -6.55 -3.74 -23.48
N LYS A 41 -6.04 -3.29 -24.63
CA LYS A 41 -6.90 -3.10 -25.79
C LYS A 41 -7.46 -4.41 -26.32
N ASP A 42 -6.87 -5.55 -25.97
CA ASP A 42 -7.27 -6.83 -26.53
C ASP A 42 -8.45 -7.48 -25.82
N TYR A 43 -9.03 -6.82 -24.81
CA TYR A 43 -10.07 -7.47 -24.02
C TYR A 43 -11.20 -7.96 -24.90
N LYS A 44 -11.61 -9.23 -24.70
CA LYS A 44 -12.82 -9.74 -25.31
CA LYS A 44 -12.79 -9.80 -25.35
C LYS A 44 -13.50 -10.68 -24.35
N PRO A 45 -14.84 -10.70 -24.34
CA PRO A 45 -15.55 -11.63 -23.45
C PRO A 45 -15.27 -13.07 -23.83
N SER A 46 -15.46 -13.95 -22.84
CA SER A 46 -15.27 -15.37 -23.06
C SER A 46 -16.37 -15.96 -23.92
N GLY A 47 -16.02 -17.01 -24.66
CA GLY A 47 -17.00 -17.81 -25.36
C GLY A 47 -17.74 -18.79 -24.50
N PHE A 48 -17.47 -18.80 -23.19
CA PHE A 48 -18.10 -19.73 -22.26
C PHE A 48 -18.63 -18.97 -21.06
N ILE A 49 -19.48 -19.66 -20.32
CA ILE A 49 -20.06 -19.15 -19.09
C ILE A 49 -19.88 -20.23 -18.04
N ILE A 50 -19.51 -19.83 -16.83
CA ILE A 50 -19.53 -20.69 -15.66
C ILE A 50 -20.57 -20.13 -14.71
N ASN A 51 -21.64 -20.89 -14.46
CA ASN A 51 -22.75 -20.39 -13.66
C ASN A 51 -22.67 -20.83 -12.21
N ASN A 52 -22.24 -22.06 -11.96
CA ASN A 52 -22.14 -22.57 -10.61
C ASN A 52 -20.86 -23.39 -10.49
N VAL A 53 -20.28 -23.35 -9.29
CA VAL A 53 -19.07 -24.07 -8.94
C VAL A 53 -19.40 -24.87 -7.69
N THR A 54 -19.24 -26.19 -7.76
CA THR A 54 -19.46 -27.06 -6.61
C THR A 54 -18.15 -27.77 -6.31
N LEU A 55 -17.54 -27.43 -5.18
CA LEU A 55 -16.21 -27.92 -4.81
C LEU A 55 -16.30 -28.86 -3.63
N ASN A 56 -15.44 -29.88 -3.66
CA ASN A 56 -15.15 -30.71 -2.50
C ASN A 56 -13.65 -30.71 -2.33
N ILE A 57 -13.19 -30.17 -1.21
CA ILE A 57 -11.77 -30.01 -0.91
C ILE A 57 -11.47 -30.90 0.29
N ASN A 58 -10.74 -31.98 0.06
CA ASN A 58 -10.49 -33.02 1.05
C ASN A 58 -9.02 -32.97 1.45
N ILE A 59 -8.75 -32.43 2.62
CA ILE A 59 -7.39 -32.17 3.09
C ILE A 59 -6.86 -33.39 3.83
N HIS A 60 -5.68 -33.86 3.44
CA HIS A 60 -4.92 -34.89 4.13
C HIS A 60 -3.50 -34.39 4.36
N ASP A 61 -2.73 -35.17 5.12
CA ASP A 61 -1.40 -34.71 5.51
C ASP A 61 -0.50 -34.48 4.30
N ASN A 62 -0.51 -35.40 3.35
CA ASN A 62 0.45 -35.38 2.25
C ASN A 62 -0.21 -35.15 0.90
N GLU A 63 -1.47 -34.73 0.88
CA GLU A 63 -2.14 -34.36 -0.35
C GLU A 63 -3.49 -33.76 0.00
N THR A 64 -3.97 -32.88 -0.87
CA THR A 64 -5.34 -32.41 -0.82
C THR A 64 -5.99 -32.75 -2.15
N ILE A 65 -7.16 -33.37 -2.07
CA ILE A 65 -7.92 -33.78 -3.24
CA ILE A 65 -7.92 -33.78 -3.24
C ILE A 65 -9.00 -32.74 -3.47
N VAL A 66 -9.06 -32.21 -4.68
CA VAL A 66 -10.05 -31.21 -5.03
C VAL A 66 -10.93 -31.77 -6.14
N ARG A 67 -12.20 -31.98 -5.83
CA ARG A 67 -13.20 -32.32 -6.82
CA ARG A 67 -13.20 -32.31 -6.83
C ARG A 67 -14.03 -31.07 -7.10
N SER A 68 -14.31 -30.82 -8.37
CA SER A 68 -15.01 -29.61 -8.77
C SER A 68 -15.96 -29.92 -9.92
N VAL A 69 -17.21 -29.48 -9.78
CA VAL A 69 -18.16 -29.53 -10.87
C VAL A 69 -18.49 -28.10 -11.27
N LEU A 70 -18.29 -27.79 -12.55
CA LEU A 70 -18.60 -26.49 -13.11
C LEU A 70 -19.82 -26.63 -13.99
N ASP A 71 -20.90 -25.95 -13.61
CA ASP A 71 -22.10 -25.87 -14.42
CA ASP A 71 -22.09 -25.89 -14.45
C ASP A 71 -21.88 -24.77 -15.45
N MET A 72 -21.71 -25.16 -16.70
CA MET A 72 -21.22 -24.25 -17.73
C MET A 72 -22.21 -24.12 -18.86
N ASP A 73 -21.92 -23.16 -19.73
CA ASP A 73 -22.74 -22.96 -20.91
C ASP A 73 -21.87 -22.27 -21.95
N ILE A 74 -22.44 -22.17 -23.15
CA ILE A 74 -21.82 -21.49 -24.27
C ILE A 74 -22.34 -20.06 -24.29
N SER A 75 -21.44 -19.09 -24.40
CA SER A 75 -21.89 -17.70 -24.40
C SER A 75 -22.22 -17.25 -25.83
N LYS A 76 -22.88 -16.09 -25.91
CA LYS A 76 -23.24 -15.52 -27.20
C LYS A 76 -22.02 -15.12 -28.02
N HIS A 77 -20.83 -15.08 -27.41
CA HIS A 77 -19.60 -14.78 -28.12
C HIS A 77 -18.88 -16.01 -28.64
N ASN A 78 -19.38 -17.20 -28.31
CA ASN A 78 -18.74 -18.43 -28.72
C ASN A 78 -18.67 -18.52 -30.24
N VAL A 79 -17.55 -19.03 -30.75
CA VAL A 79 -17.37 -19.27 -32.18
C VAL A 79 -16.85 -20.68 -32.41
N GLY A 80 -17.21 -21.60 -31.53
CA GLY A 80 -16.79 -23.00 -31.70
C GLY A 80 -15.34 -23.26 -31.35
N GLU A 81 -14.74 -22.45 -30.50
CA GLU A 81 -13.35 -22.62 -30.09
C GLU A 81 -13.19 -23.79 -29.11
N ASP A 82 -11.95 -24.25 -28.98
CA ASP A 82 -11.62 -25.16 -27.90
C ASP A 82 -11.98 -24.53 -26.58
N LEU A 83 -12.30 -25.38 -25.60
CA LEU A 83 -12.52 -24.96 -24.23
C LEU A 83 -11.17 -25.03 -23.52
N VAL A 84 -10.66 -23.88 -23.09
CA VAL A 84 -9.35 -23.82 -22.46
C VAL A 84 -9.52 -23.33 -21.03
N PHE A 85 -9.07 -24.15 -20.08
CA PHE A 85 -9.05 -23.79 -18.67
C PHE A 85 -7.62 -23.48 -18.25
N ASP A 86 -7.50 -22.50 -17.36
CA ASP A 86 -6.28 -22.35 -16.59
C ASP A 86 -6.20 -23.43 -15.52
N GLY A 87 -5.01 -23.98 -15.33
CA GLY A 87 -4.77 -24.94 -14.29
C GLY A 87 -3.28 -25.15 -14.13
N VAL A 88 -2.70 -24.72 -13.02
CA VAL A 88 -1.25 -24.62 -12.87
C VAL A 88 -0.80 -25.58 -11.79
N GLY A 89 0.03 -26.54 -12.17
CA GLY A 89 0.61 -27.44 -11.19
C GLY A 89 -0.36 -28.42 -10.59
N LEU A 90 -1.45 -28.74 -11.30
CA LEU A 90 -2.44 -29.69 -10.82
C LEU A 90 -2.09 -31.09 -11.32
N LYS A 91 -2.37 -32.09 -10.49
CA LYS A 91 -2.21 -33.49 -10.90
CA LYS A 91 -2.21 -33.48 -10.91
CA LYS A 91 -2.21 -33.49 -10.90
C LYS A 91 -3.61 -34.04 -11.18
N ILE A 92 -3.86 -34.39 -12.44
CA ILE A 92 -5.19 -34.83 -12.87
C ILE A 92 -5.43 -36.27 -12.44
N ASN A 93 -6.51 -36.49 -11.70
CA ASN A 93 -7.02 -37.84 -11.52
C ASN A 93 -8.05 -38.17 -12.57
N GLU A 94 -8.97 -37.26 -12.83
N GLU A 94 -8.99 -37.27 -12.85
CA GLU A 94 -9.89 -37.46 -13.94
CA GLU A 94 -9.99 -37.53 -13.87
C GLU A 94 -10.57 -36.13 -14.23
C GLU A 94 -10.53 -36.21 -14.42
N ILE A 95 -10.97 -35.97 -15.48
N ILE A 95 -11.04 -36.29 -15.65
CA ILE A 95 -11.82 -34.87 -15.90
CA ILE A 95 -11.71 -35.19 -16.34
C ILE A 95 -12.90 -35.44 -16.80
C ILE A 95 -12.96 -35.77 -16.98
N SER A 96 -14.08 -34.83 -16.75
N SER A 96 -14.09 -35.08 -16.85
CA SER A 96 -15.26 -35.36 -17.44
CA SER A 96 -15.30 -35.51 -17.52
C SER A 96 -16.10 -34.20 -17.98
C SER A 96 -16.16 -34.33 -17.90
N ILE A 97 -16.89 -34.51 -19.01
CA ILE A 97 -17.98 -33.63 -19.43
C ILE A 97 -19.25 -34.45 -19.46
N ASN A 98 -20.28 -34.00 -18.75
CA ASN A 98 -21.57 -34.67 -18.75
C ASN A 98 -21.41 -36.17 -18.44
N ASN A 99 -20.63 -36.45 -17.40
N ASN A 99 -20.63 -36.45 -17.40
CA ASN A 99 -20.49 -37.73 -16.73
CA ASN A 99 -20.36 -37.82 -16.95
C ASN A 99 -19.49 -38.69 -17.35
C ASN A 99 -19.86 -38.73 -18.07
N LYS A 100 -18.98 -38.43 -18.55
N LYS A 100 -19.18 -38.16 -19.07
CA LYS A 100 -17.99 -39.29 -19.18
CA LYS A 100 -18.38 -38.93 -20.00
C LYS A 100 -16.60 -38.69 -19.02
C LYS A 100 -16.90 -38.58 -19.81
N LYS A 101 -15.68 -39.48 -18.45
N LYS A 101 -16.10 -39.61 -19.55
CA LYS A 101 -14.31 -39.02 -18.30
CA LYS A 101 -14.68 -39.41 -19.31
C LYS A 101 -13.69 -38.81 -19.67
C LYS A 101 -14.00 -38.91 -20.58
N LEU A 102 -13.01 -37.68 -19.83
N LEU A 102 -13.19 -37.87 -20.42
CA LEU A 102 -12.30 -37.41 -21.06
CA LEU A 102 -12.34 -37.34 -21.47
C LEU A 102 -10.92 -38.04 -21.01
C LEU A 102 -10.96 -37.95 -21.32
N VAL A 103 -10.32 -38.20 -22.19
N VAL A 103 -10.35 -38.29 -22.44
CA VAL A 103 -9.10 -38.97 -22.34
CA VAL A 103 -9.08 -39.01 -22.45
C VAL A 103 -8.00 -38.07 -22.86
C VAL A 103 -7.97 -38.07 -22.92
N GLU A 104 -6.85 -38.10 -22.20
CA GLU A 104 -5.74 -37.27 -22.60
CA GLU A 104 -5.71 -37.29 -22.58
C GLU A 104 -5.21 -37.69 -23.96
N GLY A 105 -4.86 -36.71 -24.76
CA GLY A 105 -4.37 -36.94 -26.12
C GLY A 105 -5.50 -36.87 -27.10
N GLU A 106 -6.55 -37.65 -26.84
CA GLU A 106 -7.65 -37.79 -27.79
C GLU A 106 -8.65 -36.65 -27.65
N GLU A 107 -9.06 -36.33 -26.42
CA GLU A 107 -10.05 -35.29 -26.20
CA GLU A 107 -10.05 -35.31 -26.17
C GLU A 107 -9.50 -34.06 -25.49
N TYR A 108 -8.37 -34.17 -24.80
CA TYR A 108 -7.81 -33.00 -24.13
C TYR A 108 -6.29 -33.11 -24.07
N THR A 109 -5.64 -31.96 -23.93
CA THR A 109 -4.23 -31.90 -23.57
C THR A 109 -4.06 -31.02 -22.34
N TYR A 110 -3.05 -31.32 -21.54
CA TYR A 110 -2.73 -30.55 -20.35
C TYR A 110 -1.21 -30.42 -20.26
N ASP A 111 -0.72 -29.19 -20.20
CA ASP A 111 0.71 -28.91 -20.20
C ASP A 111 1.19 -28.31 -18.88
N ASN A 112 0.43 -28.49 -17.81
CA ASN A 112 0.75 -27.99 -16.47
CA ASN A 112 0.75 -27.99 -16.47
C ASN A 112 0.41 -26.50 -16.33
N GLU A 113 -0.19 -25.89 -17.34
CA GLU A 113 -0.59 -24.49 -17.30
C GLU A 113 -1.99 -24.32 -17.87
N PHE A 114 -2.28 -25.00 -18.98
CA PHE A 114 -3.57 -24.92 -19.65
C PHE A 114 -4.12 -26.31 -19.93
N LEU A 115 -5.40 -26.49 -19.65
CA LEU A 115 -6.12 -27.69 -20.04
C LEU A 115 -6.97 -27.32 -21.24
N THR A 116 -6.70 -27.95 -22.38
CA THR A 116 -7.43 -27.70 -23.61
C THR A 116 -8.32 -28.89 -23.92
N ILE A 117 -9.62 -28.64 -24.03
CA ILE A 117 -10.57 -29.65 -24.47
CA ILE A 117 -10.60 -29.63 -24.46
C ILE A 117 -10.94 -29.30 -25.91
N PHE A 118 -10.67 -30.22 -26.82
CA PHE A 118 -10.87 -29.93 -28.24
C PHE A 118 -12.34 -29.68 -28.54
N SER A 119 -12.59 -28.68 -29.39
N SER A 119 -12.59 -28.73 -29.44
CA SER A 119 -13.94 -28.18 -29.61
CA SER A 119 -13.92 -28.16 -29.61
C SER A 119 -14.89 -29.28 -30.04
C SER A 119 -14.99 -29.23 -29.83
N LYS A 120 -14.40 -30.29 -30.75
N LYS A 120 -14.73 -30.19 -30.73
CA LYS A 120 -15.28 -31.34 -31.20
CA LYS A 120 -15.79 -31.11 -31.14
C LYS A 120 -15.87 -32.13 -30.04
C LYS A 120 -16.40 -31.87 -29.96
N PHE A 121 -15.34 -31.96 -28.83
N PHE A 121 -15.71 -31.92 -28.82
CA PHE A 121 -15.84 -32.64 -27.64
CA PHE A 121 -16.24 -32.54 -27.62
C PHE A 121 -16.49 -31.67 -26.65
C PHE A 121 -16.74 -31.52 -26.60
N VAL A 122 -16.71 -30.41 -27.03
N VAL A 122 -16.75 -30.24 -26.96
CA VAL A 122 -17.32 -29.41 -26.17
CA VAL A 122 -17.32 -29.20 -26.12
C VAL A 122 -18.80 -29.29 -26.54
C VAL A 122 -18.80 -29.08 -26.48
N PRO A 123 -19.72 -29.45 -25.59
CA PRO A 123 -21.15 -29.36 -25.92
C PRO A 123 -21.57 -27.98 -26.43
N LYS A 124 -22.68 -27.99 -27.15
CA LYS A 124 -23.25 -26.78 -27.76
CA LYS A 124 -23.25 -26.78 -27.76
C LYS A 124 -24.25 -26.08 -26.85
N SER A 125 -24.57 -26.66 -25.69
CA SER A 125 -25.52 -26.06 -24.77
CA SER A 125 -25.53 -26.07 -24.77
C SER A 125 -25.07 -26.39 -23.35
N LYS A 126 -25.91 -26.04 -22.38
CA LYS A 126 -25.57 -26.20 -20.97
CA LYS A 126 -25.58 -26.20 -20.96
CA LYS A 126 -25.54 -26.18 -20.98
C LYS A 126 -24.98 -27.58 -20.70
N PHE A 127 -23.83 -27.60 -20.03
CA PHE A 127 -23.14 -28.85 -19.73
C PHE A 127 -22.42 -28.74 -18.40
N ALA A 128 -22.08 -29.90 -17.85
CA ALA A 128 -21.32 -29.98 -16.62
C ALA A 128 -19.91 -30.45 -16.93
N PHE A 129 -18.93 -29.72 -16.43
CA PHE A 129 -17.52 -30.12 -16.50
C PHE A 129 -17.11 -30.51 -15.09
N SER A 130 -16.49 -31.67 -14.94
CA SER A 130 -16.05 -32.09 -13.62
CA SER A 130 -16.07 -32.18 -13.64
CA SER A 130 -16.08 -32.17 -13.64
C SER A 130 -14.60 -32.55 -13.68
N SER A 131 -13.93 -32.43 -12.55
CA SER A 131 -12.53 -32.84 -12.48
C SER A 131 -12.20 -33.20 -11.04
N GLU A 132 -11.19 -34.03 -10.91
CA GLU A 132 -10.59 -34.32 -9.62
C GLU A 132 -9.09 -34.18 -9.81
N VAL A 133 -8.47 -33.35 -8.97
CA VAL A 133 -7.06 -33.11 -9.04
C VAL A 133 -6.46 -33.26 -7.65
N ILE A 134 -5.15 -33.47 -7.62
CA ILE A 134 -4.39 -33.52 -6.38
CA ILE A 134 -4.38 -33.54 -6.39
C ILE A 134 -3.47 -32.32 -6.34
N ILE A 135 -3.41 -31.65 -5.19
CA ILE A 135 -2.53 -30.54 -4.93
C ILE A 135 -1.85 -30.77 -3.57
N HIS A 136 -0.86 -29.92 -3.26
CA HIS A 136 0.02 -30.14 -2.12
C HIS A 136 0.25 -28.85 -1.37
N PRO A 137 -0.73 -28.40 -0.59
CA PRO A 137 -0.52 -27.15 0.16
C PRO A 137 0.64 -27.25 1.14
N GLU A 138 0.96 -28.44 1.63
CA GLU A 138 2.00 -28.63 2.63
C GLU A 138 3.40 -28.32 2.11
N THR A 139 3.60 -28.27 0.79
CA THR A 139 4.89 -27.88 0.22
C THR A 139 4.78 -26.60 -0.61
N ASN A 140 3.66 -25.88 -0.49
CA ASN A 140 3.45 -24.68 -1.27
C ASN A 140 4.02 -23.48 -0.52
N TYR A 141 5.31 -23.19 -0.74
CA TYR A 141 5.99 -22.11 -0.04
C TYR A 141 5.85 -20.77 -0.74
N ALA A 142 5.21 -20.73 -1.90
CA ALA A 142 4.99 -19.48 -2.62
C ALA A 142 3.76 -18.74 -2.15
N LEU A 143 2.90 -19.40 -1.36
CA LEU A 143 1.80 -18.73 -0.67
C LEU A 143 0.78 -18.16 -1.65
N THR A 144 0.62 -18.85 -2.78
CA THR A 144 -0.42 -18.57 -3.76
CA THR A 144 -0.40 -18.57 -3.77
C THR A 144 -1.15 -19.86 -4.05
N GLY A 145 -2.46 -19.77 -4.18
CA GLY A 145 -3.27 -20.99 -4.27
C GLY A 145 -3.58 -21.49 -2.87
N LEU A 146 -3.61 -22.80 -2.66
CA LEU A 146 -3.86 -23.37 -1.34
C LEU A 146 -2.53 -23.73 -0.71
N TYR A 147 -2.31 -23.29 0.53
CA TYR A 147 -1.02 -23.51 1.17
C TYR A 147 -1.19 -23.68 2.66
N LYS A 148 -0.09 -24.07 3.30
CA LYS A 148 -0.04 -24.27 4.75
CA LYS A 148 -0.02 -24.28 4.74
C LYS A 148 0.77 -23.14 5.37
N SER A 149 0.19 -22.47 6.33
CA SER A 149 0.85 -21.42 7.10
C SER A 149 0.90 -21.93 8.53
N LYS A 150 2.07 -22.38 8.95
CA LYS A 150 2.23 -23.04 10.25
CA LYS A 150 2.24 -23.05 10.24
C LYS A 150 1.27 -24.22 10.24
N ASN A 151 0.26 -24.27 11.12
CA ASN A 151 -0.66 -25.38 11.14
C ASN A 151 -2.03 -25.05 10.57
N ILE A 152 -2.12 -23.96 9.79
CA ILE A 152 -3.37 -23.51 9.19
CA ILE A 152 -3.37 -23.51 9.19
C ILE A 152 -3.29 -23.75 7.69
N ILE A 153 -4.32 -24.37 7.13
CA ILE A 153 -4.47 -24.44 5.68
C ILE A 153 -5.27 -23.22 5.25
N VAL A 154 -4.75 -22.49 4.24
CA VAL A 154 -5.35 -21.23 3.83
C VAL A 154 -5.10 -21.02 2.35
N SER A 155 -6.00 -20.28 1.70
CA SER A 155 -5.86 -19.95 0.29
C SER A 155 -5.56 -18.47 0.09
N GLN A 156 -4.95 -18.19 -1.05
CA GLN A 156 -4.84 -16.84 -1.61
C GLN A 156 -5.01 -16.96 -3.11
N CYS A 157 -6.08 -16.39 -3.65
CA CYS A 157 -6.37 -16.56 -5.07
C CYS A 157 -6.20 -15.30 -5.91
N GLU A 158 -6.23 -14.11 -5.35
CA GLU A 158 -5.97 -12.94 -6.19
C GLU A 158 -4.47 -12.85 -6.48
N ALA A 159 -4.09 -12.59 -7.73
N ALA A 159 -4.07 -12.66 -7.74
CA ALA A 159 -4.98 -12.35 -8.86
CA ALA A 159 -4.93 -12.56 -8.92
C ALA A 159 -5.39 -13.63 -9.56
C ALA A 159 -5.13 -13.91 -9.63
N THR A 160 -4.41 -14.48 -9.87
N THR A 160 -4.12 -14.80 -9.58
CA THR A 160 -4.65 -15.64 -10.72
CA THR A 160 -4.13 -16.02 -10.36
C THR A 160 -4.22 -16.93 -10.02
C THR A 160 -3.92 -17.27 -9.50
N GLY A 161 -4.61 -17.08 -8.76
N GLY A 161 -4.32 -17.22 -8.24
CA GLY A 161 -4.23 -18.23 -7.98
CA GLY A 161 -4.12 -18.35 -7.35
C GLY A 161 -5.26 -19.34 -7.92
C GLY A 161 -5.17 -19.44 -7.45
N PHE A 162 -6.53 -19.04 -8.19
N PHE A 162 -6.36 -19.13 -7.98
CA PHE A 162 -7.54 -20.11 -8.14
CA PHE A 162 -7.40 -20.16 -8.04
C PHE A 162 -7.21 -21.24 -9.09
C PHE A 162 -7.02 -21.28 -9.00
N ARG A 163 -6.48 -20.94 -10.16
CA ARG A 163 -6.05 -21.97 -11.11
C ARG A 163 -5.00 -22.90 -10.52
N ARG A 164 -4.40 -22.55 -9.37
CA ARG A 164 -3.50 -23.45 -8.67
C ARG A 164 -4.24 -24.40 -7.74
N ILE A 165 -5.56 -24.27 -7.65
CA ILE A 165 -6.40 -25.12 -6.82
C ILE A 165 -7.23 -26.07 -7.67
N THR A 166 -7.85 -25.56 -8.73
CA THR A 166 -8.59 -26.39 -9.67
C THR A 166 -8.70 -25.66 -11.01
N PHE A 167 -9.20 -26.37 -12.00
CA PHE A 167 -9.35 -25.79 -13.33
C PHE A 167 -10.41 -24.70 -13.34
N PHE A 168 -10.10 -23.60 -14.02
CA PHE A 168 -11.08 -22.55 -14.15
C PHE A 168 -10.72 -21.67 -15.34
N ILE A 169 -11.70 -20.91 -15.81
CA ILE A 169 -11.41 -19.79 -16.70
C ILE A 169 -11.13 -18.61 -15.75
N ASP A 170 -9.86 -18.50 -15.36
CA ASP A 170 -9.45 -17.77 -14.18
C ASP A 170 -9.19 -16.31 -14.55
N ARG A 171 -10.29 -15.55 -14.62
CA ARG A 171 -10.29 -14.14 -14.96
C ARG A 171 -11.54 -13.54 -14.35
N PRO A 172 -11.51 -12.27 -13.95
CA PRO A 172 -12.53 -11.74 -13.03
C PRO A 172 -13.89 -11.50 -13.65
N ASP A 173 -14.04 -11.59 -14.96
CA ASP A 173 -15.35 -11.46 -15.56
C ASP A 173 -16.12 -12.77 -15.60
N MET A 174 -15.52 -13.87 -15.15
CA MET A 174 -16.21 -15.17 -15.11
C MET A 174 -16.86 -15.30 -13.74
N MET A 175 -18.06 -14.76 -13.59
N MET A 175 -18.06 -14.76 -13.62
CA MET A 175 -18.73 -14.72 -12.29
CA MET A 175 -18.81 -14.73 -12.38
C MET A 175 -19.71 -15.87 -12.16
C MET A 175 -19.59 -16.03 -12.22
N ALA A 176 -19.72 -16.49 -10.97
CA ALA A 176 -20.48 -17.71 -10.69
C ALA A 176 -20.84 -17.75 -9.21
N LYS A 177 -21.71 -18.71 -8.87
CA LYS A 177 -22.11 -18.97 -7.50
CA LYS A 177 -22.10 -18.96 -7.49
C LYS A 177 -21.45 -20.24 -6.99
N TYR A 178 -21.06 -20.24 -5.71
CA TYR A 178 -20.17 -21.26 -5.16
C TYR A 178 -20.80 -22.06 -4.03
N ASP A 179 -20.69 -23.38 -4.14
CA ASP A 179 -21.12 -24.37 -3.14
C ASP A 179 -19.87 -25.16 -2.81
N VAL A 180 -19.32 -24.97 -1.60
CA VAL A 180 -18.00 -25.46 -1.24
C VAL A 180 -18.09 -26.36 -0.02
N THR A 181 -17.59 -27.58 -0.14
CA THR A 181 -17.46 -28.50 0.98
C THR A 181 -15.98 -28.69 1.27
N VAL A 182 -15.61 -28.58 2.55
CA VAL A 182 -14.25 -28.79 3.02
CA VAL A 182 -14.24 -28.82 2.99
C VAL A 182 -14.27 -29.92 4.04
N THR A 183 -13.36 -30.90 3.89
CA THR A 183 -13.22 -31.97 4.86
C THR A 183 -11.77 -32.10 5.31
N ALA A 184 -11.58 -32.55 6.54
CA ALA A 184 -10.25 -32.62 7.13
C ALA A 184 -10.31 -33.43 8.41
N ASP A 185 -9.13 -33.79 8.91
CA ASP A 185 -9.01 -34.36 10.24
C ASP A 185 -9.54 -33.39 11.27
N LYS A 186 -10.43 -33.86 12.14
CA LYS A 186 -11.12 -32.97 13.06
CA LYS A 186 -11.12 -32.97 13.07
C LYS A 186 -10.20 -32.49 14.17
N GLU A 187 -9.30 -33.35 14.66
CA GLU A 187 -8.39 -32.92 15.72
C GLU A 187 -7.44 -31.83 15.23
N LYS A 188 -6.88 -32.02 14.04
CA LYS A 188 -5.94 -31.04 13.49
CA LYS A 188 -5.93 -31.04 13.50
C LYS A 188 -6.64 -29.80 12.98
N TYR A 189 -7.84 -29.94 12.42
CA TYR A 189 -8.52 -28.86 11.71
C TYR A 189 -9.97 -28.76 12.18
N PRO A 190 -10.19 -28.36 13.44
CA PRO A 190 -11.56 -28.32 13.95
C PRO A 190 -12.41 -27.20 13.38
N VAL A 191 -11.80 -26.13 12.85
CA VAL A 191 -12.52 -24.99 12.29
C VAL A 191 -12.32 -25.00 10.78
N LEU A 192 -13.42 -25.07 10.05
CA LEU A 192 -13.44 -25.11 8.60
C LEU A 192 -14.26 -23.91 8.12
N LEU A 193 -13.71 -23.16 7.16
CA LEU A 193 -14.39 -21.95 6.69
C LEU A 193 -14.27 -21.85 5.18
N SER A 194 -15.36 -21.47 4.52
CA SER A 194 -15.31 -20.98 3.15
C SER A 194 -16.32 -19.84 3.02
N ASN A 195 -16.49 -19.30 1.83
CA ASN A 195 -17.29 -18.10 1.68
C ASN A 195 -18.76 -18.40 1.91
N GLY A 196 -19.43 -17.54 2.66
CA GLY A 196 -20.88 -17.57 2.72
C GLY A 196 -21.44 -18.35 3.89
N ASP A 197 -22.72 -18.70 3.75
CA ASP A 197 -23.46 -19.38 4.81
C ASP A 197 -22.94 -20.80 5.01
N LYS A 198 -22.72 -21.18 6.26
CA LYS A 198 -22.43 -22.58 6.55
C LYS A 198 -23.75 -23.34 6.63
N VAL A 199 -24.01 -24.20 5.64
CA VAL A 199 -25.31 -24.86 5.54
C VAL A 199 -25.33 -26.27 6.13
N ASN A 200 -24.17 -26.88 6.38
CA ASN A 200 -24.14 -28.22 6.94
C ASN A 200 -22.78 -28.46 7.60
N GLU A 201 -22.79 -29.28 8.64
CA GLU A 201 -21.61 -29.76 9.30
C GLU A 201 -21.85 -31.24 9.56
N PHE A 202 -20.84 -32.07 9.33
CA PHE A 202 -21.07 -33.50 9.39
C PHE A 202 -19.80 -34.23 9.79
N GLU A 203 -19.98 -35.35 10.46
CA GLU A 203 -18.87 -36.21 10.83
C GLU A 203 -18.59 -37.20 9.71
N ILE A 204 -17.33 -37.64 9.64
CA ILE A 204 -16.86 -38.53 8.59
C ILE A 204 -16.07 -39.64 9.27
N PRO A 205 -16.21 -40.90 8.84
CA PRO A 205 -15.44 -41.98 9.46
C PRO A 205 -13.95 -41.68 9.44
N GLY A 206 -13.24 -42.25 10.41
CA GLY A 206 -11.81 -42.10 10.49
C GLY A 206 -11.33 -40.82 11.12
N GLY A 207 -12.17 -40.17 11.93
CA GLY A 207 -11.74 -38.98 12.63
C GLY A 207 -11.78 -37.72 11.81
N ARG A 208 -12.50 -37.74 10.69
CA ARG A 208 -12.62 -36.57 9.83
C ARG A 208 -13.94 -35.87 10.08
N HIS A 209 -14.07 -34.67 9.50
CA HIS A 209 -15.35 -33.98 9.51
C HIS A 209 -15.38 -33.03 8.33
N GLY A 210 -16.57 -32.51 8.07
CA GLY A 210 -16.77 -31.65 6.93
C GLY A 210 -17.72 -30.51 7.24
N ALA A 211 -17.62 -29.48 6.42
CA ALA A 211 -18.53 -28.35 6.50
C ALA A 211 -18.80 -27.88 5.09
N ARG A 212 -20.05 -27.49 4.83
CA ARG A 212 -20.48 -27.07 3.52
C ARG A 212 -20.99 -25.65 3.58
N PHE A 213 -20.60 -24.85 2.59
CA PHE A 213 -20.87 -23.43 2.51
C PHE A 213 -21.58 -23.10 1.21
N ASN A 214 -22.48 -22.12 1.28
CA ASN A 214 -23.17 -21.60 0.11
C ASN A 214 -22.99 -20.10 0.10
N ASP A 215 -22.39 -19.58 -0.95
CA ASP A 215 -22.23 -18.14 -1.10
C ASP A 215 -23.21 -17.68 -2.16
N PRO A 216 -24.27 -16.97 -1.78
CA PRO A 216 -25.31 -16.60 -2.75
C PRO A 216 -24.92 -15.48 -3.70
N HIS A 217 -23.80 -14.79 -3.45
CA HIS A 217 -23.41 -13.64 -4.26
C HIS A 217 -22.53 -14.11 -5.41
N LEU A 218 -22.93 -13.76 -6.61
CA LEU A 218 -22.14 -14.03 -7.79
C LEU A 218 -20.75 -13.41 -7.61
N LYS A 219 -19.70 -14.17 -7.93
CA LYS A 219 -18.36 -13.67 -7.70
C LYS A 219 -17.37 -14.25 -8.71
N PRO A 220 -16.30 -13.52 -9.00
CA PRO A 220 -15.16 -14.10 -9.68
C PRO A 220 -14.37 -14.98 -8.73
N CYS A 221 -13.57 -15.87 -9.32
CA CYS A 221 -12.86 -16.86 -8.53
C CYS A 221 -11.75 -16.29 -7.68
N TYR A 222 -11.26 -15.07 -7.97
CA TYR A 222 -10.23 -14.52 -7.10
C TYR A 222 -10.74 -14.21 -5.71
N LEU A 223 -12.05 -14.22 -5.50
CA LEU A 223 -12.65 -13.96 -4.20
C LEU A 223 -13.03 -15.23 -3.43
N PHE A 224 -12.74 -16.39 -4.00
CA PHE A 224 -12.90 -17.65 -3.29
C PHE A 224 -11.85 -17.76 -2.20
N ALA A 225 -12.25 -18.31 -1.06
CA ALA A 225 -11.27 -18.65 -0.04
C ALA A 225 -11.72 -19.85 0.77
N VAL A 226 -10.74 -20.53 1.34
CA VAL A 226 -10.96 -21.63 2.29
C VAL A 226 -9.89 -21.54 3.37
N VAL A 227 -10.29 -21.85 4.60
CA VAL A 227 -9.40 -21.93 5.76
C VAL A 227 -9.75 -23.18 6.56
N ALA A 228 -8.73 -23.86 7.06
CA ALA A 228 -8.91 -24.99 7.97
C ALA A 228 -7.83 -24.90 9.03
N GLY A 229 -8.21 -24.99 10.29
CA GLY A 229 -7.20 -24.87 11.33
C GLY A 229 -7.78 -25.00 12.72
N ASP A 230 -6.89 -25.05 13.70
CA ASP A 230 -7.26 -25.05 15.11
C ASP A 230 -7.33 -23.60 15.58
N LEU A 231 -8.38 -22.93 15.15
CA LEU A 231 -8.49 -21.49 15.33
C LEU A 231 -9.33 -21.15 16.56
N LYS A 232 -8.95 -20.08 17.24
CA LYS A 232 -9.74 -19.51 18.32
C LYS A 232 -10.27 -18.16 17.86
N HIS A 233 -11.31 -17.67 18.51
CA HIS A 233 -11.98 -16.48 17.99
C HIS A 233 -12.54 -15.62 19.11
N LEU A 234 -12.78 -14.37 18.75
CA LEU A 234 -13.74 -13.50 19.44
C LEU A 234 -14.87 -13.21 18.47
N SER A 235 -16.06 -12.98 19.00
CA SER A 235 -17.21 -12.73 18.16
C SER A 235 -18.08 -11.62 18.73
N ALA A 236 -18.88 -11.04 17.86
CA ALA A 236 -19.85 -10.01 18.23
C ALA A 236 -20.97 -10.07 17.23
N THR A 237 -22.10 -9.44 17.57
CA THR A 237 -23.24 -9.31 16.67
CA THR A 237 -23.24 -9.31 16.67
C THR A 237 -23.42 -7.85 16.32
N TYR A 238 -23.55 -7.57 15.03
CA TYR A 238 -23.77 -6.24 14.51
C TYR A 238 -25.15 -6.19 13.87
N ILE A 239 -25.86 -5.07 14.04
CA ILE A 239 -27.18 -4.89 13.44
CA ILE A 239 -27.18 -4.88 13.46
C ILE A 239 -27.10 -3.74 12.46
N THR A 240 -27.39 -4.03 11.19
CA THR A 240 -27.21 -2.99 10.18
C THR A 240 -28.17 -1.82 10.41
N LYS A 241 -27.77 -0.66 9.89
CA LYS A 241 -28.40 0.59 10.27
CA LYS A 241 -28.40 0.59 10.27
C LYS A 241 -29.80 0.74 9.71
N TYR A 242 -30.01 0.32 8.45
CA TYR A 242 -31.26 0.60 7.75
CA TYR A 242 -31.25 0.60 7.76
C TYR A 242 -32.15 -0.63 7.64
N THR A 243 -31.60 -1.76 7.18
CA THR A 243 -32.37 -2.98 7.06
C THR A 243 -32.43 -3.79 8.36
N LYS A 244 -31.64 -3.42 9.37
CA LYS A 244 -31.68 -4.10 10.67
C LYS A 244 -31.35 -5.58 10.53
N LYS A 245 -30.41 -5.89 9.64
CA LYS A 245 -29.95 -7.26 9.46
C LYS A 245 -28.95 -7.61 10.54
N LYS A 246 -29.11 -8.78 11.16
CA LYS A 246 -28.16 -9.24 12.16
C LYS A 246 -26.97 -9.87 11.46
N VAL A 247 -25.76 -9.42 11.81
CA VAL A 247 -24.53 -9.96 11.25
C VAL A 247 -23.67 -10.48 12.39
N GLU A 248 -23.25 -11.74 12.27
CA GLU A 248 -22.30 -12.31 13.21
CA GLU A 248 -22.30 -12.32 13.20
C GLU A 248 -20.89 -12.02 12.70
N LEU A 249 -20.09 -11.40 13.56
CA LEU A 249 -18.71 -11.02 13.26
C LEU A 249 -17.80 -11.95 14.05
N TYR A 250 -16.86 -12.59 13.35
CA TYR A 250 -15.87 -13.46 13.97
CA TYR A 250 -15.87 -13.44 13.99
C TYR A 250 -14.48 -13.02 13.55
N VAL A 251 -13.56 -12.96 14.51
CA VAL A 251 -12.14 -12.75 14.22
C VAL A 251 -11.39 -13.93 14.78
N PHE A 252 -10.51 -14.51 13.96
CA PHE A 252 -9.85 -15.78 14.27
C PHE A 252 -8.33 -15.63 14.24
N SER A 253 -7.68 -16.40 15.12
CA SER A 253 -6.23 -16.54 15.13
C SER A 253 -5.88 -17.91 15.70
N GLU A 254 -4.62 -18.29 15.54
CA GLU A 254 -4.15 -19.43 16.31
C GLU A 254 -4.30 -19.15 17.80
N GLU A 255 -4.35 -20.25 18.56
CA GLU A 255 -4.67 -20.17 19.98
C GLU A 255 -3.72 -19.24 20.75
N LYS A 256 -2.44 -19.29 20.43
CA LYS A 256 -1.46 -18.53 21.21
C LYS A 256 -1.79 -17.04 21.22
N TYR A 257 -2.46 -16.54 20.18
CA TYR A 257 -2.58 -15.10 19.96
C TYR A 257 -4.03 -14.62 20.02
N VAL A 258 -4.94 -15.43 20.60
CA VAL A 258 -6.34 -15.03 20.74
C VAL A 258 -6.46 -13.73 21.54
N SER A 259 -5.55 -13.48 22.48
CA SER A 259 -5.59 -12.25 23.26
C SER A 259 -5.27 -11.00 22.44
N LYS A 260 -4.94 -11.15 21.16
CA LYS A 260 -4.54 -10.03 20.30
C LYS A 260 -5.60 -9.68 19.27
N LEU A 261 -6.81 -10.23 19.40
CA LEU A 261 -7.84 -10.08 18.38
C LEU A 261 -8.82 -8.93 18.61
N GLN A 262 -8.83 -8.30 19.79
CA GLN A 262 -9.94 -7.40 20.10
CA GLN A 262 -9.92 -7.38 20.14
C GLN A 262 -9.91 -6.12 19.26
N TRP A 263 -8.75 -5.50 19.08
CA TRP A 263 -8.72 -4.25 18.33
C TRP A 263 -9.23 -4.46 16.90
N ALA A 264 -8.87 -5.58 16.28
CA ALA A 264 -9.38 -5.85 14.93
C ALA A 264 -10.91 -5.88 14.92
N LEU A 265 -11.52 -6.55 15.91
CA LEU A 265 -12.98 -6.61 15.97
C LEU A 265 -13.57 -5.22 16.14
N GLU A 266 -12.96 -4.39 16.97
CA GLU A 266 -13.45 -3.03 17.12
CA GLU A 266 -13.43 -3.01 17.13
C GLU A 266 -13.29 -2.24 15.82
N CYS A 267 -12.18 -2.43 15.13
CA CYS A 267 -11.99 -1.76 13.84
C CYS A 267 -13.02 -2.21 12.83
N LEU A 268 -13.40 -3.48 12.86
CA LEU A 268 -14.41 -3.95 11.93
C LEU A 268 -15.76 -3.28 12.22
N LYS A 269 -16.14 -3.18 13.49
CA LYS A 269 -17.37 -2.50 13.83
C LYS A 269 -17.34 -1.05 13.36
N LYS A 270 -16.21 -0.37 13.57
CA LYS A 270 -16.10 1.01 13.10
C LYS A 270 -16.23 1.10 11.59
N SER A 271 -15.61 0.16 10.86
CA SER A 271 -15.66 0.18 9.40
C SER A 271 -17.08 0.01 8.91
N MET A 272 -17.82 -0.93 9.51
CA MET A 272 -19.21 -1.16 9.11
C MET A 272 -20.03 0.09 9.32
N ALA A 273 -19.87 0.73 10.48
CA ALA A 273 -20.62 1.95 10.75
C ALA A 273 -20.25 3.06 9.79
N PHE A 274 -18.96 3.20 9.45
CA PHE A 274 -18.56 4.27 8.55
C PHE A 274 -19.16 4.08 7.16
N ASP A 275 -19.14 2.85 6.63
CA ASP A 275 -19.72 2.66 5.30
C ASP A 275 -21.23 2.94 5.33
N GLU A 276 -21.90 2.59 6.44
CA GLU A 276 -23.31 2.94 6.59
C GLU A 276 -23.50 4.44 6.66
N ASP A 277 -22.68 5.12 7.46
CA ASP A 277 -22.90 6.54 7.75
C ASP A 277 -22.56 7.42 6.56
N TYR A 278 -21.40 7.18 5.93
CA TYR A 278 -20.97 8.06 4.84
C TYR A 278 -21.60 7.65 3.52
N PHE A 279 -21.65 6.35 3.23
CA PHE A 279 -22.03 5.85 1.91
C PHE A 279 -23.39 5.16 1.87
N GLY A 280 -24.04 4.96 3.00
CA GLY A 280 -25.30 4.23 3.03
C GLY A 280 -25.20 2.76 2.70
N LEU A 281 -24.03 2.15 2.87
CA LEU A 281 -23.79 0.78 2.43
C LEU A 281 -23.82 -0.15 3.63
N GLU A 282 -24.62 -1.21 3.52
CA GLU A 282 -24.78 -2.22 4.57
C GLU A 282 -24.21 -3.56 4.13
N TYR A 283 -23.67 -4.29 5.10
CA TYR A 283 -23.16 -5.63 4.84
C TYR A 283 -24.30 -6.54 4.40
N ASP A 284 -23.96 -7.60 3.66
CA ASP A 284 -24.90 -8.32 2.81
C ASP A 284 -24.88 -9.83 3.03
N LEU A 285 -24.27 -10.31 4.11
CA LEU A 285 -24.34 -11.71 4.50
C LEU A 285 -24.64 -11.76 6.00
N SER A 286 -25.05 -12.94 6.46
CA SER A 286 -25.33 -13.11 7.88
C SER A 286 -24.08 -13.24 8.74
N ARG A 287 -22.91 -13.42 8.13
CA ARG A 287 -21.68 -13.66 8.87
CA ARG A 287 -21.69 -13.60 8.90
C ARG A 287 -20.52 -13.03 8.12
N LEU A 288 -19.56 -12.49 8.87
CA LEU A 288 -18.30 -12.01 8.31
C LEU A 288 -17.18 -12.53 9.20
N ASN A 289 -16.23 -13.25 8.60
CA ASN A 289 -15.08 -13.79 9.29
C ASN A 289 -13.82 -13.04 8.87
N LEU A 290 -12.98 -12.68 9.84
CA LEU A 290 -11.62 -12.22 9.60
C LEU A 290 -10.68 -13.25 10.20
N VAL A 291 -9.62 -13.63 9.46
CA VAL A 291 -8.68 -14.67 9.89
C VAL A 291 -7.26 -14.15 9.75
N ALA A 292 -6.47 -14.28 10.82
CA ALA A 292 -5.04 -13.98 10.81
C ALA A 292 -4.24 -15.25 10.51
N VAL A 293 -3.33 -15.15 9.54
CA VAL A 293 -2.33 -16.20 9.32
C VAL A 293 -0.93 -15.59 9.34
N SER A 294 0.04 -16.40 9.72
CA SER A 294 1.41 -15.92 9.91
C SER A 294 2.16 -15.70 8.61
N ASP A 295 1.83 -16.46 7.57
CA ASP A 295 2.56 -16.45 6.31
C ASP A 295 1.62 -15.89 5.24
N PHE A 296 1.88 -14.65 4.80
CA PHE A 296 1.02 -13.99 3.84
C PHE A 296 1.85 -13.01 3.05
N ASN A 297 1.70 -13.05 1.71
CA ASN A 297 2.57 -12.26 0.85
C ASN A 297 2.23 -10.78 0.88
N VAL A 298 0.97 -10.46 1.14
CA VAL A 298 0.50 -9.08 1.15
C VAL A 298 -0.19 -8.79 2.49
N GLY A 299 -0.79 -7.63 2.62
CA GLY A 299 -1.36 -7.25 3.89
C GLY A 299 -2.58 -8.05 4.26
N ALA A 300 -3.47 -8.27 3.30
CA ALA A 300 -4.72 -8.97 3.56
C ALA A 300 -5.48 -9.16 2.25
N MET A 301 -6.70 -9.71 2.32
CA MET A 301 -7.43 -10.11 1.12
C MET A 301 -8.93 -10.15 1.42
N GLU A 302 -9.70 -9.56 0.51
CA GLU A 302 -11.12 -9.29 0.72
C GLU A 302 -12.04 -10.45 0.31
N ASN A 303 -11.63 -11.71 0.49
CA ASN A 303 -12.49 -12.81 0.04
C ASN A 303 -13.86 -12.67 0.67
N LYS A 304 -14.91 -12.93 -0.12
CA LYS A 304 -16.26 -12.57 0.31
C LYS A 304 -16.63 -13.28 1.61
N GLY A 305 -16.95 -12.49 2.65
CA GLY A 305 -17.34 -13.05 3.93
C GLY A 305 -16.23 -13.74 4.69
N LEU A 306 -14.99 -13.68 4.20
CA LEU A 306 -13.89 -14.45 4.74
C LEU A 306 -12.60 -13.70 4.42
N ASN A 307 -12.41 -12.58 5.07
CA ASN A 307 -11.25 -11.76 4.82
C ASN A 307 -10.07 -12.40 5.53
N ILE A 308 -8.94 -12.53 4.83
CA ILE A 308 -7.76 -13.18 5.39
C ILE A 308 -6.64 -12.17 5.45
N PHE A 309 -5.89 -12.19 6.56
CA PHE A 309 -4.93 -11.13 6.87
C PHE A 309 -3.57 -11.70 7.21
N ASN A 310 -2.53 -11.03 6.73
CA ASN A 310 -1.26 -11.12 7.42
C ASN A 310 -1.49 -10.82 8.89
N ALA A 311 -1.03 -11.72 9.76
CA ALA A 311 -1.20 -11.49 11.19
C ALA A 311 -0.70 -10.10 11.61
N ASN A 312 0.32 -9.57 10.93
CA ASN A 312 0.84 -8.26 11.35
C ASN A 312 -0.12 -7.13 11.06
N SER A 313 -1.21 -7.40 10.34
CA SER A 313 -2.22 -6.39 10.01
C SER A 313 -3.58 -6.73 10.62
N LEU A 314 -3.63 -7.69 11.54
CA LEU A 314 -4.84 -8.00 12.30
C LEU A 314 -4.63 -8.05 13.80
N LEU A 315 -3.46 -8.52 14.27
CA LEU A 315 -3.24 -8.85 15.67
C LEU A 315 -2.38 -7.78 16.35
N ALA A 316 -2.81 -7.38 17.56
CA ALA A 316 -2.04 -6.45 18.37
C ALA A 316 -2.49 -6.57 19.81
N SER A 317 -1.58 -6.23 20.72
CA SER A 317 -1.94 -5.89 22.09
C SER A 317 -0.93 -4.86 22.58
N LYS A 318 -1.34 -4.05 23.55
CA LYS A 318 -0.53 -2.88 23.88
C LYS A 318 0.77 -3.27 24.56
N LYS A 319 0.85 -4.45 25.16
CA LYS A 319 2.09 -4.88 25.77
CA LYS A 319 2.08 -4.90 25.77
C LYS A 319 3.01 -5.60 24.79
N ASN A 320 2.51 -5.96 23.60
CA ASN A 320 3.33 -6.77 22.70
CA ASN A 320 3.17 -6.85 22.65
C ASN A 320 3.33 -6.25 21.27
N SER A 321 2.92 -5.00 21.06
CA SER A 321 2.92 -4.40 19.73
C SER A 321 3.35 -2.95 19.86
N ILE A 322 4.02 -2.45 18.82
CA ILE A 322 4.32 -1.02 18.77
C ILE A 322 3.07 -0.24 18.39
N ASP A 323 3.10 1.05 18.71
CA ASP A 323 1.96 1.93 18.47
C ASP A 323 1.44 1.83 17.04
N PHE A 324 2.35 1.79 16.06
CA PHE A 324 1.96 1.86 14.65
C PHE A 324 1.09 0.67 14.25
N SER A 325 1.12 -0.42 15.01
CA SER A 325 0.24 -1.55 14.72
C SER A 325 -1.23 -1.13 14.71
N TYR A 326 -1.62 -0.19 15.57
CA TYR A 326 -3.05 0.12 15.73
C TYR A 326 -3.61 0.81 14.50
N ALA A 327 -2.91 1.82 13.98
CA ALA A 327 -3.36 2.45 12.74
C ALA A 327 -3.25 1.49 11.55
N ARG A 328 -2.27 0.58 11.58
CA ARG A 328 -2.15 -0.40 10.50
C ARG A 328 -3.36 -1.32 10.46
N ILE A 329 -3.75 -1.85 11.62
CA ILE A 329 -4.90 -2.75 11.68
C ILE A 329 -6.17 -2.01 11.28
N LEU A 330 -6.32 -0.78 11.76
CA LEU A 330 -7.48 0.03 11.38
C LEU A 330 -7.56 0.19 9.86
N THR A 331 -6.43 0.52 9.25
CA THR A 331 -6.37 0.68 7.80
C THR A 331 -6.71 -0.61 7.08
N VAL A 332 -6.12 -1.73 7.51
CA VAL A 332 -6.25 -2.94 6.72
C VAL A 332 -7.63 -3.56 6.91
N VAL A 333 -8.13 -3.58 8.15
CA VAL A 333 -9.50 -4.06 8.35
C VAL A 333 -10.48 -3.20 7.58
N GLY A 334 -10.31 -1.89 7.65
CA GLY A 334 -11.20 -1.02 6.92
C GLY A 334 -11.11 -1.25 5.43
N HIS A 335 -9.89 -1.26 4.90
CA HIS A 335 -9.66 -1.52 3.48
C HIS A 335 -10.37 -2.79 3.04
N GLU A 336 -10.15 -3.90 3.75
CA GLU A 336 -10.77 -5.16 3.32
C GLU A 336 -12.29 -5.10 3.42
N TYR A 337 -12.82 -4.43 4.46
CA TYR A 337 -14.26 -4.29 4.59
C TYR A 337 -14.85 -3.46 3.46
N PHE A 338 -14.20 -2.35 3.13
CA PHE A 338 -14.75 -1.47 2.09
C PHE A 338 -14.74 -2.15 0.72
N HIS A 339 -13.81 -3.09 0.48
CA HIS A 339 -13.86 -3.89 -0.73
C HIS A 339 -15.17 -4.64 -0.87
N ASN A 340 -15.92 -4.86 0.22
CA ASN A 340 -17.14 -5.63 0.06
C ASN A 340 -18.05 -5.03 -1.00
N TYR A 341 -18.06 -3.69 -1.13
CA TYR A 341 -18.74 -3.07 -2.25
C TYR A 341 -17.79 -2.69 -3.38
N THR A 342 -16.64 -2.07 -3.07
CA THR A 342 -15.74 -1.61 -4.12
C THR A 342 -14.70 -2.68 -4.38
N GLY A 343 -15.15 -3.69 -5.13
CA GLY A 343 -14.36 -4.85 -5.48
C GLY A 343 -15.19 -6.12 -5.55
N ASN A 344 -16.07 -6.30 -4.56
CA ASN A 344 -16.86 -7.54 -4.51
C ASN A 344 -18.24 -7.34 -5.14
N ARG A 345 -19.10 -6.52 -4.53
CA ARG A 345 -20.42 -6.32 -5.11
C ARG A 345 -20.34 -5.62 -6.46
N VAL A 346 -19.35 -4.77 -6.67
CA VAL A 346 -18.97 -4.31 -8.00
C VAL A 346 -17.53 -4.73 -8.20
N THR A 347 -17.29 -5.60 -9.19
CA THR A 347 -15.98 -6.18 -9.38
C THR A 347 -15.39 -5.65 -10.69
N LEU A 348 -14.36 -6.33 -11.20
CA LEU A 348 -13.57 -5.83 -12.33
C LEU A 348 -13.85 -6.64 -13.58
N ARG A 349 -13.97 -5.93 -14.70
CA ARG A 349 -14.11 -6.62 -15.98
C ARG A 349 -12.85 -7.39 -16.33
N ASP A 350 -11.69 -6.83 -15.97
CA ASP A 350 -10.40 -7.37 -16.35
C ASP A 350 -9.38 -6.73 -15.41
N TRP A 351 -8.16 -7.28 -15.40
CA TRP A 351 -7.19 -6.85 -14.40
C TRP A 351 -6.63 -5.46 -14.69
N PHE A 352 -6.76 -4.95 -15.92
CA PHE A 352 -6.31 -3.60 -16.17
C PHE A 352 -7.13 -2.59 -15.39
N GLN A 353 -8.32 -2.98 -14.94
CA GLN A 353 -9.17 -2.11 -14.15
C GLN A 353 -8.82 -2.14 -12.66
N LEU A 354 -7.70 -2.76 -12.27
CA LEU A 354 -7.39 -2.96 -10.85
C LEU A 354 -7.59 -1.69 -10.01
N THR A 355 -7.15 -0.52 -10.51
CA THR A 355 -7.26 0.70 -9.72
C THR A 355 -8.72 1.06 -9.41
N LEU A 356 -9.65 0.58 -10.22
CA LEU A 356 -11.07 0.86 -9.96
C LEU A 356 -11.49 0.32 -8.60
N LYS A 357 -10.97 -0.84 -8.21
CA LYS A 357 -11.24 -1.32 -6.87
C LYS A 357 -10.17 -0.88 -5.87
N GLU A 358 -8.91 -0.76 -6.26
CA GLU A 358 -7.86 -0.49 -5.30
C GLU A 358 -7.72 1.01 -5.01
N GLY A 359 -7.65 1.84 -6.04
CA GLY A 359 -7.60 3.26 -5.76
C GLY A 359 -8.83 3.71 -5.00
N LEU A 360 -10.00 3.20 -5.40
CA LEU A 360 -11.24 3.57 -4.75
C LEU A 360 -11.31 3.06 -3.32
N THR A 361 -10.84 1.84 -3.07
CA THR A 361 -10.90 1.30 -1.70
C THR A 361 -9.89 1.99 -0.79
N VAL A 362 -8.69 2.33 -1.30
CA VAL A 362 -7.73 3.11 -0.52
C VAL A 362 -8.33 4.47 -0.17
N HIS A 363 -8.97 5.11 -1.13
CA HIS A 363 -9.63 6.39 -0.87
C HIS A 363 -10.69 6.23 0.21
N ARG A 364 -11.52 5.20 0.10
CA ARG A 364 -12.52 4.96 1.13
C ARG A 364 -11.87 4.75 2.49
N GLU A 365 -10.80 3.96 2.54
CA GLU A 365 -10.13 3.72 3.81
C GLU A 365 -9.47 4.99 4.34
N ASN A 366 -8.99 5.86 3.47
CA ASN A 366 -8.39 7.11 3.93
CA ASN A 366 -8.40 7.09 3.97
C ASN A 366 -9.45 8.01 4.57
N LEU A 367 -10.62 8.13 3.93
CA LEU A 367 -11.70 8.89 4.55
C LEU A 367 -12.02 8.33 5.91
N PHE A 368 -12.13 7.00 6.00
CA PHE A 368 -12.42 6.31 7.25
C PHE A 368 -11.37 6.60 8.31
N SER A 369 -10.10 6.36 7.97
CA SER A 369 -9.06 6.52 8.98
C SER A 369 -8.90 7.98 9.42
N GLU A 370 -9.05 8.92 8.48
CA GLU A 370 -8.98 10.32 8.87
C GLU A 370 -10.08 10.66 9.86
N GLU A 371 -11.28 10.14 9.65
CA GLU A 371 -12.39 10.39 10.56
C GLU A 371 -12.16 9.69 11.90
N MET A 372 -11.55 8.48 11.89
CA MET A 372 -11.37 7.74 13.13
C MET A 372 -10.25 8.33 13.99
N THR A 373 -9.13 8.72 13.38
CA THR A 373 -7.99 9.18 14.19
C THR A 373 -8.11 10.64 14.57
N LYS A 374 -8.71 11.46 13.72
CA LYS A 374 -8.84 12.90 13.96
CA LYS A 374 -8.84 12.90 13.94
C LYS A 374 -7.48 13.56 14.21
N THR A 375 -6.45 13.05 13.55
N THR A 375 -6.45 13.07 13.52
CA THR A 375 -5.10 13.62 13.58
CA THR A 375 -5.12 13.64 13.59
C THR A 375 -4.72 14.07 12.17
C THR A 375 -4.67 14.03 12.19
N VAL A 376 -3.65 14.88 12.09
N VAL A 376 -4.16 15.26 12.04
CA VAL A 376 -3.07 15.20 10.79
CA VAL A 376 -3.68 15.69 10.72
C VAL A 376 -2.23 14.04 10.26
C VAL A 376 -2.56 14.79 10.22
N THR A 377 -1.89 13.10 11.12
N THR A 377 -1.88 14.10 11.12
CA THR A 377 -0.94 12.04 10.78
CA THR A 377 -0.77 13.22 10.73
C THR A 377 -1.47 11.18 9.64
C THR A 377 -1.24 12.11 9.79
N THR A 378 -2.76 10.88 9.64
N THR A 378 -2.50 11.70 9.88
CA THR A 378 -3.30 9.96 8.65
CA THR A 378 -2.97 10.55 9.11
C THR A 378 -3.06 10.49 7.23
C THR A 378 -2.79 10.79 7.61
N ARG A 379 -3.43 11.74 6.99
N ARG A 379 -3.38 11.86 7.09
CA ARG A 379 -3.26 12.32 5.65
CA ARG A 379 -3.20 12.15 5.67
C ARG A 379 -1.80 12.59 5.34
C ARG A 379 -1.76 12.55 5.35
N LEU A 380 -1.06 13.22 6.26
CA LEU A 380 0.32 13.57 5.98
C LEU A 380 1.16 12.34 5.74
N SER A 381 0.88 11.26 6.49
CA SER A 381 1.62 10.03 6.28
CA SER A 381 1.60 10.00 6.28
CA SER A 381 1.61 10.01 6.28
C SER A 381 1.37 9.46 4.89
N HIS A 382 0.14 9.51 4.41
CA HIS A 382 -0.18 9.00 3.08
C HIS A 382 0.50 9.84 2.00
N VAL A 383 0.50 11.16 2.17
CA VAL A 383 1.15 12.03 1.20
C VAL A 383 2.65 11.79 1.20
N ASP A 384 3.23 11.63 2.39
CA ASP A 384 4.67 11.37 2.45
CA ASP A 384 4.65 11.32 2.55
C ASP A 384 5.02 10.08 1.73
N LEU A 385 4.20 9.04 1.85
CA LEU A 385 4.48 7.81 1.11
C LEU A 385 4.34 8.04 -0.39
N LEU A 386 3.27 8.73 -0.82
CA LEU A 386 3.09 8.97 -2.23
C LEU A 386 4.29 9.71 -2.82
N ARG A 387 4.67 10.84 -2.20
CA ARG A 387 5.67 11.71 -2.81
C ARG A 387 7.06 11.12 -2.74
N SER A 388 7.26 10.09 -1.93
CA SER A 388 8.53 9.39 -1.96
C SER A 388 8.45 8.17 -2.88
N VAL A 389 7.82 7.10 -2.40
CA VAL A 389 7.80 5.82 -3.11
CA VAL A 389 7.89 5.86 -3.16
C VAL A 389 7.07 5.94 -4.46
N GLN A 390 5.91 6.59 -4.45
CA GLN A 390 5.15 6.58 -5.70
C GLN A 390 5.76 7.52 -6.73
N PHE A 391 6.19 8.71 -6.31
CA PHE A 391 6.85 9.61 -7.25
C PHE A 391 8.11 8.97 -7.83
N LEU A 392 8.87 8.25 -7.00
CA LEU A 392 10.04 7.53 -7.50
C LEU A 392 9.63 6.52 -8.57
N GLU A 393 8.60 5.73 -8.28
CA GLU A 393 8.13 4.76 -9.28
C GLU A 393 7.75 5.46 -10.56
N ASP A 394 7.07 6.61 -10.46
CA ASP A 394 6.51 7.26 -11.64
C ASP A 394 7.58 7.93 -12.49
N SER A 395 8.77 8.13 -11.95
CA SER A 395 9.88 8.63 -12.75
C SER A 395 10.88 7.54 -13.09
N SER A 396 10.61 6.28 -12.74
CA SER A 396 11.49 5.16 -12.98
C SER A 396 11.12 4.47 -14.28
N PRO A 397 11.93 3.50 -14.73
CA PRO A 397 11.55 2.72 -15.91
C PRO A 397 10.29 1.90 -15.71
N LEU A 398 9.85 1.72 -14.48
CA LEU A 398 8.62 0.99 -14.18
C LEU A 398 7.38 1.87 -14.26
N SER A 399 7.53 3.15 -14.58
CA SER A 399 6.39 4.06 -14.60
C SER A 399 5.25 3.53 -15.45
N HIS A 400 4.05 3.60 -14.91
CA HIS A 400 2.85 3.19 -15.61
C HIS A 400 1.71 4.10 -15.23
N PRO A 401 0.70 4.24 -16.08
CA PRO A 401 -0.54 4.89 -15.65
C PRO A 401 -1.27 4.01 -14.67
N ILE A 402 -2.20 4.61 -13.92
CA ILE A 402 -2.92 3.84 -12.91
C ILE A 402 -3.76 2.74 -13.55
N ARG A 403 -4.11 2.89 -14.82
CA ARG A 403 -4.67 1.79 -15.58
CA ARG A 403 -4.69 1.80 -15.59
C ARG A 403 -3.62 1.34 -16.58
N PRO A 404 -2.85 0.29 -16.28
CA PRO A 404 -1.75 -0.11 -17.18
C PRO A 404 -2.25 -0.58 -18.54
N GLU A 405 -1.31 -0.65 -19.48
CA GLU A 405 -1.61 -1.08 -20.83
CA GLU A 405 -1.62 -1.09 -20.83
C GLU A 405 -1.22 -2.54 -21.09
N SER A 406 -0.35 -3.13 -20.28
CA SER A 406 0.06 -4.51 -20.52
C SER A 406 0.70 -5.08 -19.26
N TYR A 407 0.73 -6.41 -19.17
CA TYR A 407 1.42 -7.08 -18.07
C TYR A 407 1.79 -8.50 -18.47
N VAL A 408 2.77 -9.06 -17.77
CA VAL A 408 3.06 -10.49 -17.84
C VAL A 408 2.48 -11.17 -16.60
N SER A 409 2.94 -10.77 -15.43
N SER A 409 2.90 -10.74 -15.42
CA SER A 409 2.44 -11.26 -14.14
CA SER A 409 2.35 -11.21 -14.16
C SER A 409 1.67 -10.11 -13.49
C SER A 409 1.62 -10.04 -13.50
N MET A 410 0.35 -10.27 -13.36
N MET A 410 0.30 -10.17 -13.37
CA MET A 410 -0.44 -9.20 -12.79
CA MET A 410 -0.46 -9.10 -12.73
C MET A 410 -0.04 -8.88 -11.36
C MET A 410 0.04 -8.82 -11.33
N GLU A 411 0.65 -9.81 -10.68
CA GLU A 411 1.11 -9.55 -9.33
CA GLU A 411 1.18 -9.61 -9.34
C GLU A 411 2.16 -8.45 -9.29
N ASN A 412 2.85 -8.17 -10.41
CA ASN A 412 3.74 -7.03 -10.45
C ASN A 412 3.02 -5.71 -10.61
N PHE A 413 1.69 -5.69 -10.72
CA PHE A 413 1.01 -4.42 -10.89
C PHE A 413 0.14 -4.05 -9.71
N TYR A 414 0.38 -4.67 -8.56
CA TYR A 414 -0.21 -4.22 -7.30
C TYR A 414 0.72 -3.19 -6.68
N THR A 415 0.77 -2.03 -7.33
CA THR A 415 1.82 -1.04 -7.12
C THR A 415 1.30 0.17 -6.37
N THR A 416 2.24 0.95 -5.83
CA THR A 416 1.87 2.22 -5.22
CA THR A 416 1.84 2.21 -5.21
C THR A 416 1.23 3.16 -6.23
N THR A 417 1.59 3.03 -7.51
CA THR A 417 0.90 3.80 -8.54
C THR A 417 -0.58 3.42 -8.58
N VAL A 418 -0.88 2.14 -8.73
CA VAL A 418 -2.27 1.70 -8.85
C VAL A 418 -3.05 2.00 -7.58
N TYR A 419 -2.43 1.80 -6.42
CA TYR A 419 -3.11 1.94 -5.13
C TYR A 419 -3.14 3.39 -4.67
N ASP A 420 -1.97 4.01 -4.59
CA ASP A 420 -1.85 5.30 -3.94
C ASP A 420 -2.06 6.48 -4.89
N LYS A 421 -1.43 6.48 -6.06
CA LYS A 421 -1.86 7.49 -7.04
C LYS A 421 -3.32 7.26 -7.42
N GLY A 422 -3.72 6.00 -7.54
CA GLY A 422 -5.12 5.71 -7.78
C GLY A 422 -6.01 6.33 -6.72
N SER A 423 -5.61 6.23 -5.45
CA SER A 423 -6.43 6.80 -4.39
CA SER A 423 -6.42 6.79 -4.38
C SER A 423 -6.51 8.31 -4.51
N GLU A 424 -5.41 8.95 -4.91
CA GLU A 424 -5.43 10.40 -5.07
C GLU A 424 -6.30 10.81 -6.24
N VAL A 425 -6.31 10.03 -7.32
CA VAL A 425 -7.22 10.28 -8.43
C VAL A 425 -8.67 10.09 -7.98
N MET A 426 -8.92 9.07 -7.16
CA MET A 426 -10.27 8.90 -6.64
C MET A 426 -10.66 10.02 -5.68
N ARG A 427 -9.69 10.50 -4.89
CA ARG A 427 -9.95 11.62 -3.98
C ARG A 427 -10.22 12.92 -4.73
N MET A 428 -9.58 13.12 -5.89
CA MET A 428 -9.81 14.39 -6.58
C MET A 428 -11.26 14.55 -7.00
N TYR A 429 -11.97 13.45 -7.29
CA TYR A 429 -13.39 13.60 -7.59
C TYR A 429 -14.14 14.23 -6.43
N LEU A 430 -13.81 13.82 -5.20
CA LEU A 430 -14.46 14.40 -4.03
C LEU A 430 -14.10 15.87 -3.90
N THR A 431 -12.84 16.23 -4.15
CA THR A 431 -12.43 17.63 -4.10
C THR A 431 -13.17 18.47 -5.13
N ILE A 432 -13.31 17.93 -6.35
CA ILE A 432 -13.98 18.65 -7.44
C ILE A 432 -15.47 18.79 -7.17
N LEU A 433 -16.12 17.72 -6.74
CA LEU A 433 -17.58 17.68 -6.65
C LEU A 433 -18.11 18.20 -5.33
N GLY A 434 -17.33 18.13 -4.27
CA GLY A 434 -17.85 18.33 -2.93
C GLY A 434 -18.57 17.09 -2.43
N GLU A 435 -18.80 17.07 -1.12
N GLU A 435 -18.78 17.06 -1.11
CA GLU A 435 -19.32 15.86 -0.47
CA GLU A 435 -19.32 15.87 -0.46
C GLU A 435 -20.68 15.45 -1.02
C GLU A 435 -20.68 15.46 -1.05
N GLU A 436 -21.62 16.41 -1.13
CA GLU A 436 -22.97 16.05 -1.55
C GLU A 436 -22.96 15.39 -2.92
N TYR A 437 -22.34 16.04 -3.91
CA TYR A 437 -22.39 15.49 -5.25
C TYR A 437 -21.46 14.31 -5.42
N TYR A 438 -20.38 14.24 -4.64
CA TYR A 438 -19.55 13.04 -4.65
C TYR A 438 -20.35 11.83 -4.21
N LYS A 439 -21.07 11.96 -3.08
CA LYS A 439 -21.89 10.85 -2.61
C LYS A 439 -22.95 10.47 -3.64
N LYS A 440 -23.55 11.47 -4.31
CA LYS A 440 -24.52 11.16 -5.36
C LYS A 440 -23.88 10.36 -6.49
N GLY A 441 -22.73 10.80 -6.98
CA GLY A 441 -22.07 10.09 -8.05
C GLY A 441 -21.64 8.69 -7.64
N PHE A 442 -21.12 8.55 -6.43
CA PHE A 442 -20.70 7.24 -5.95
C PHE A 442 -21.89 6.29 -5.90
N ASP A 443 -23.04 6.77 -5.45
CA ASP A 443 -24.19 5.88 -5.36
C ASP A 443 -24.69 5.50 -6.75
N ILE A 444 -24.61 6.40 -7.72
CA ILE A 444 -24.93 6.03 -9.09
C ILE A 444 -24.06 4.86 -9.54
N TYR A 445 -22.75 4.97 -9.30
CA TYR A 445 -21.82 3.91 -9.68
C TYR A 445 -22.17 2.59 -8.99
N ILE A 446 -22.37 2.62 -7.67
CA ILE A 446 -22.45 1.36 -6.95
C ILE A 446 -23.79 0.69 -7.24
N LYS A 447 -24.83 1.47 -7.52
CA LYS A 447 -26.14 0.91 -7.83
C LYS A 447 -26.20 0.38 -9.25
N LYS A 448 -25.71 1.16 -10.22
CA LYS A 448 -25.80 0.75 -11.61
CA LYS A 448 -25.79 0.77 -11.62
C LYS A 448 -25.06 -0.54 -11.87
N ASN A 449 -23.90 -0.72 -11.24
CA ASN A 449 -23.00 -1.82 -11.52
C ASN A 449 -23.06 -2.95 -10.49
N ASP A 450 -24.01 -2.90 -9.57
CA ASP A 450 -24.13 -3.92 -8.53
CA ASP A 450 -24.12 -3.92 -8.53
C ASP A 450 -24.28 -5.31 -9.14
N GLY A 451 -23.56 -6.27 -8.57
CA GLY A 451 -23.60 -7.64 -9.03
C GLY A 451 -22.92 -7.90 -10.35
N ASN A 452 -22.15 -6.93 -10.86
CA ASN A 452 -21.58 -7.00 -12.19
C ASN A 452 -20.12 -6.60 -12.13
N THR A 453 -19.42 -6.83 -13.25
CA THR A 453 -18.12 -6.23 -13.47
C THR A 453 -18.27 -4.76 -13.89
N ALA A 454 -17.16 -4.01 -13.74
CA ALA A 454 -17.14 -2.61 -14.15
C ALA A 454 -15.74 -2.25 -14.62
N THR A 455 -15.65 -1.08 -15.26
CA THR A 455 -14.39 -0.53 -15.74
C THR A 455 -14.21 0.86 -15.18
N CYS A 456 -12.99 1.38 -15.33
CA CYS A 456 -12.72 2.74 -14.89
C CYS A 456 -13.66 3.75 -15.54
N GLU A 457 -13.98 3.52 -16.82
CA GLU A 457 -14.91 4.42 -17.53
CA GLU A 457 -14.89 4.44 -17.50
C GLU A 457 -16.27 4.45 -16.87
N ASP A 458 -16.71 3.32 -16.30
CA ASP A 458 -18.00 3.32 -15.62
C ASP A 458 -17.97 4.25 -14.41
N PHE A 459 -16.85 4.26 -13.67
CA PHE A 459 -16.77 5.16 -12.53
C PHE A 459 -16.75 6.62 -12.97
N ASN A 460 -15.97 6.93 -14.01
CA ASN A 460 -15.91 8.30 -14.47
C ASN A 460 -17.26 8.74 -14.99
N TYR A 461 -18.02 7.83 -15.60
CA TYR A 461 -19.36 8.16 -16.08
CA TYR A 461 -19.34 8.18 -16.09
C TYR A 461 -20.26 8.55 -14.94
N ALA A 462 -20.24 7.77 -13.86
CA ALA A 462 -21.07 8.08 -12.70
C ALA A 462 -20.67 9.43 -12.12
N MET A 463 -19.38 9.70 -12.00
CA MET A 463 -18.94 10.98 -11.47
C MET A 463 -19.34 12.11 -12.39
N GLU A 464 -19.30 11.86 -13.71
CA GLU A 464 -19.70 12.86 -14.70
C GLU A 464 -21.18 13.22 -14.57
N GLN A 465 -22.04 12.24 -14.29
CA GLN A 465 -23.45 12.55 -14.05
CA GLN A 465 -23.44 12.56 -14.05
C GLN A 465 -23.59 13.51 -12.88
N ALA A 466 -22.85 13.28 -11.79
CA ALA A 466 -22.89 14.19 -10.66
C ALA A 466 -22.29 15.54 -11.00
N TYR A 467 -21.27 15.53 -11.85
CA TYR A 467 -20.64 16.77 -12.30
C TYR A 467 -21.63 17.62 -13.10
N LYS A 468 -22.38 16.99 -14.01
CA LYS A 468 -23.40 17.71 -14.75
CA LYS A 468 -23.40 17.71 -14.75
C LYS A 468 -24.41 18.35 -13.82
N MET A 469 -24.80 17.65 -12.76
CA MET A 469 -25.70 18.22 -11.77
CA MET A 469 -25.71 18.23 -11.77
C MET A 469 -25.07 19.43 -11.09
N LYS A 470 -23.88 19.24 -10.52
CA LYS A 470 -23.23 20.32 -9.78
CA LYS A 470 -23.23 20.33 -9.78
C LYS A 470 -23.09 21.58 -10.63
N LYS A 471 -22.63 21.42 -11.87
CA LYS A 471 -22.44 22.57 -12.75
CA LYS A 471 -22.44 22.55 -12.77
C LYS A 471 -23.75 23.04 -13.38
N ALA A 472 -24.86 22.35 -13.14
CA ALA A 472 -26.14 22.68 -13.76
C ALA A 472 -25.96 22.89 -15.25
N ASP A 473 -25.29 21.92 -15.89
CA ASP A 473 -24.88 22.08 -17.29
C ASP A 473 -24.69 20.67 -17.85
N ASN A 474 -25.66 20.21 -18.64
CA ASN A 474 -25.57 18.88 -19.23
C ASN A 474 -24.57 18.81 -20.37
N SER A 475 -23.93 19.91 -20.74
CA SER A 475 -22.82 19.86 -21.70
C SER A 475 -21.49 19.64 -21.01
N ALA A 476 -21.41 19.89 -19.70
CA ALA A 476 -20.19 19.63 -18.95
C ALA A 476 -19.87 18.14 -19.00
N ASN A 477 -18.58 17.82 -19.04
CA ASN A 477 -18.16 16.43 -19.11
C ASN A 477 -16.82 16.28 -18.42
N LEU A 478 -16.47 15.03 -18.15
CA LEU A 478 -15.20 14.66 -17.51
C LEU A 478 -14.30 13.88 -18.47
N ASN A 479 -14.42 14.14 -19.78
CA ASN A 479 -13.58 13.43 -20.73
CA ASN A 479 -13.58 13.43 -20.73
C ASN A 479 -12.10 13.66 -20.43
N GLN A 480 -11.73 14.91 -20.15
CA GLN A 480 -10.34 15.19 -19.83
C GLN A 480 -9.90 14.44 -18.58
N TYR A 481 -10.81 14.22 -17.63
CA TYR A 481 -10.45 13.57 -16.38
C TYR A 481 -9.89 12.18 -16.64
N LEU A 482 -10.36 11.51 -17.70
CA LEU A 482 -9.90 10.17 -18.00
C LEU A 482 -8.40 10.11 -18.22
N LEU A 483 -7.76 11.24 -18.53
CA LEU A 483 -6.31 11.23 -18.69
C LEU A 483 -5.61 10.85 -17.39
N TRP A 484 -6.24 11.07 -16.23
CA TRP A 484 -5.63 10.60 -15.00
C TRP A 484 -5.48 9.09 -14.97
N PHE A 485 -6.31 8.37 -15.74
CA PHE A 485 -6.22 6.91 -15.78
C PHE A 485 -5.21 6.43 -16.81
N SER A 486 -5.03 7.16 -17.91
CA SER A 486 -4.23 6.68 -19.02
C SER A 486 -2.84 7.29 -19.10
N GLN A 487 -2.61 8.45 -18.49
CA GLN A 487 -1.34 9.16 -18.66
C GLN A 487 -0.43 8.90 -17.47
N SER A 488 0.77 8.42 -17.73
CA SER A 488 1.72 8.17 -16.65
C SER A 488 2.53 9.43 -16.36
N GLY A 489 3.26 9.37 -15.25
CA GLY A 489 4.11 10.47 -14.83
C GLY A 489 3.42 11.45 -13.89
N THR A 490 4.25 12.16 -13.10
CA THR A 490 3.76 13.13 -12.13
C THR A 490 3.74 14.52 -12.76
N PRO A 491 2.60 15.21 -12.80
CA PRO A 491 2.61 16.59 -13.29
C PRO A 491 3.41 17.48 -12.35
N HIS A 492 4.00 18.52 -12.94
CA HIS A 492 4.69 19.59 -12.24
C HIS A 492 3.86 20.85 -12.38
N VAL A 493 3.47 21.44 -11.25
CA VAL A 493 2.63 22.64 -11.23
C VAL A 493 3.42 23.77 -10.60
N SER A 494 3.63 24.84 -11.36
CA SER A 494 4.45 25.95 -10.92
C SER A 494 3.65 27.24 -11.00
N PHE A 495 4.12 28.25 -10.26
CA PHE A 495 3.32 29.44 -9.97
C PHE A 495 4.13 30.72 -10.12
N LYS A 496 3.44 31.76 -10.58
CA LYS A 496 3.95 33.13 -10.59
CA LYS A 496 3.96 33.13 -10.55
C LYS A 496 2.84 34.03 -10.07
N TYR A 497 3.22 35.08 -9.35
CA TYR A 497 2.24 35.92 -8.66
C TYR A 497 2.42 37.39 -9.03
N ASN A 498 1.31 38.11 -8.96
CA ASN A 498 1.33 39.56 -9.15
CA ASN A 498 1.36 39.55 -9.12
C ASN A 498 0.29 40.18 -8.24
N TYR A 499 0.67 41.27 -7.59
CA TYR A 499 -0.24 42.02 -6.73
C TYR A 499 -0.21 43.48 -7.15
N ASP A 500 -1.39 44.04 -7.35
N ASP A 500 -1.38 44.05 -7.39
CA ASP A 500 -1.59 45.46 -7.69
CA ASP A 500 -1.52 45.48 -7.68
C ASP A 500 -2.21 46.08 -6.44
C ASP A 500 -2.20 46.12 -6.47
N ALA A 501 -1.40 46.81 -5.66
CA ALA A 501 -1.90 47.38 -4.42
C ALA A 501 -2.95 48.46 -4.66
N GLU A 502 -2.81 49.21 -5.75
CA GLU A 502 -3.80 50.23 -6.06
CA GLU A 502 -3.80 50.23 -6.06
C GLU A 502 -5.17 49.60 -6.33
N LYS A 503 -5.19 48.56 -7.17
CA LYS A 503 -6.44 47.87 -7.50
CA LYS A 503 -6.43 47.86 -7.51
C LYS A 503 -6.86 46.88 -6.43
N LYS A 504 -5.99 46.56 -5.47
CA LYS A 504 -6.24 45.48 -4.52
CA LYS A 504 -6.27 45.49 -4.51
C LYS A 504 -6.59 44.19 -5.25
N GLN A 505 -5.80 43.89 -6.29
CA GLN A 505 -6.04 42.78 -7.18
C GLN A 505 -4.83 41.86 -7.20
N TYR A 506 -5.06 40.57 -7.00
CA TYR A 506 -4.00 39.57 -6.90
C TYR A 506 -4.22 38.51 -7.97
N SER A 507 -3.14 38.10 -8.61
CA SER A 507 -3.22 37.07 -9.64
CA SER A 507 -3.20 37.09 -9.67
C SER A 507 -2.24 35.95 -9.36
N ILE A 508 -2.71 34.74 -9.60
CA ILE A 508 -1.92 33.52 -9.51
C ILE A 508 -1.85 32.94 -10.93
N HIS A 509 -0.67 32.98 -11.54
CA HIS A 509 -0.46 32.35 -12.83
CA HIS A 509 -0.43 32.37 -12.83
C HIS A 509 0.11 30.95 -12.61
N VAL A 510 -0.54 29.96 -13.21
CA VAL A 510 -0.25 28.56 -12.96
CA VAL A 510 -0.22 28.57 -12.95
C VAL A 510 0.10 27.86 -14.26
N ASN A 511 1.09 26.99 -14.21
CA ASN A 511 1.52 26.19 -15.35
CA ASN A 511 1.51 26.18 -15.35
C ASN A 511 1.58 24.74 -14.92
N GLN A 512 1.20 23.83 -15.82
CA GLN A 512 1.40 22.41 -15.59
C GLN A 512 2.20 21.80 -16.73
N TYR A 513 3.04 20.83 -16.37
CA TYR A 513 3.92 20.13 -17.29
C TYR A 513 4.10 18.72 -16.78
N THR A 514 3.95 17.73 -17.66
CA THR A 514 4.33 16.35 -17.35
C THR A 514 5.44 15.97 -18.32
N LYS A 515 6.51 15.39 -17.78
CA LYS A 515 7.65 15.01 -18.59
C LYS A 515 7.29 13.83 -19.50
N PRO A 516 7.59 13.91 -20.80
CA PRO A 516 7.44 12.73 -21.66
C PRO A 516 8.18 11.53 -21.08
N ASP A 517 7.68 10.34 -21.39
CA ASP A 517 8.28 9.13 -20.87
C ASP A 517 8.09 8.01 -21.89
N GLU A 518 8.32 6.77 -21.47
CA GLU A 518 8.24 5.66 -22.40
CA GLU A 518 8.23 5.62 -22.37
C GLU A 518 6.80 5.25 -22.70
N ASN A 519 5.82 5.79 -21.99
CA ASN A 519 4.41 5.48 -22.23
C ASN A 519 3.76 6.49 -23.16
N GLN A 520 4.11 7.77 -23.06
CA GLN A 520 3.58 8.80 -23.94
C GLN A 520 4.69 9.75 -24.33
N LYS A 521 4.90 9.89 -25.64
CA LYS A 521 5.85 10.90 -26.13
CA LYS A 521 5.85 10.89 -26.15
C LYS A 521 5.28 12.30 -26.00
N GLU A 522 3.96 12.43 -26.07
CA GLU A 522 3.25 13.69 -25.91
C GLU A 522 2.41 13.57 -24.65
N LYS A 523 2.59 14.50 -23.73
CA LYS A 523 1.77 14.55 -22.53
C LYS A 523 0.77 15.67 -22.69
N LYS A 524 -0.44 15.45 -22.20
CA LYS A 524 -1.54 16.38 -22.30
C LYS A 524 -1.83 16.99 -20.94
N PRO A 525 -2.39 18.19 -20.89
CA PRO A 525 -2.74 18.78 -19.60
C PRO A 525 -3.89 18.04 -18.95
N LEU A 526 -3.80 17.93 -17.64
CA LEU A 526 -4.79 17.24 -16.84
CA LEU A 526 -4.79 17.24 -16.83
C LEU A 526 -5.76 18.23 -16.18
N PHE A 527 -6.86 17.67 -15.67
CA PHE A 527 -7.83 18.41 -14.86
C PHE A 527 -7.26 18.40 -13.44
N ILE A 528 -6.67 19.52 -13.03
CA ILE A 528 -5.95 19.61 -11.76
C ILE A 528 -6.75 20.54 -10.83
N PRO A 529 -7.34 20.03 -9.75
CA PRO A 529 -7.97 20.91 -8.77
C PRO A 529 -6.96 21.43 -7.75
N ILE A 530 -6.91 22.75 -7.58
CA ILE A 530 -5.94 23.41 -6.72
C ILE A 530 -6.70 24.09 -5.60
N SER A 531 -6.75 23.43 -4.44
CA SER A 531 -7.38 24.03 -3.27
CA SER A 531 -7.39 24.04 -3.28
C SER A 531 -6.47 25.11 -2.71
N VAL A 532 -7.01 26.32 -2.53
CA VAL A 532 -6.18 27.46 -2.19
C VAL A 532 -6.79 28.32 -1.09
N GLY A 533 -5.90 28.91 -0.29
CA GLY A 533 -6.24 30.03 0.56
C GLY A 533 -5.23 31.15 0.33
N LEU A 534 -5.50 32.28 0.94
CA LEU A 534 -4.59 33.42 0.91
C LEU A 534 -4.41 33.92 2.34
N ILE A 535 -3.16 34.02 2.77
CA ILE A 535 -2.81 34.39 4.13
C ILE A 535 -2.27 35.82 4.14
N ASN A 536 -2.81 36.63 5.03
CA ASN A 536 -2.29 37.97 5.25
C ASN A 536 -1.01 37.85 6.07
N PRO A 537 0.15 38.23 5.53
CA PRO A 537 1.40 38.02 6.28
C PRO A 537 1.54 38.88 7.52
N GLU A 538 0.71 39.92 7.68
CA GLU A 538 0.83 40.77 8.86
CA GLU A 538 0.82 40.78 8.86
C GLU A 538 0.16 40.15 10.10
N ASN A 539 -0.93 39.42 9.91
CA ASN A 539 -1.67 38.85 11.04
C ASN A 539 -1.94 37.35 10.91
N GLY A 540 -1.51 36.72 9.83
CA GLY A 540 -1.70 35.29 9.68
C GLY A 540 -3.11 34.84 9.39
N LYS A 541 -4.03 35.76 9.08
CA LYS A 541 -5.44 35.44 8.92
CA LYS A 541 -5.42 35.40 8.93
C LYS A 541 -5.76 35.09 7.47
N GLU A 542 -6.82 34.30 7.29
CA GLU A 542 -7.34 33.99 5.97
C GLU A 542 -7.89 35.26 5.33
N MET A 543 -7.67 35.40 4.03
CA MET A 543 -8.16 36.57 3.31
C MET A 543 -9.28 36.26 2.35
N ILE A 544 -9.45 34.99 1.98
CA ILE A 544 -10.55 34.56 1.13
C ILE A 544 -11.16 33.30 1.72
N SER A 545 -12.39 33.03 1.34
N SER A 545 -12.41 33.07 1.37
CA SER A 545 -12.92 31.70 1.58
CA SER A 545 -13.03 31.79 1.67
C SER A 545 -12.06 30.74 0.80
C SER A 545 -12.38 30.75 0.78
N GLN A 546 -11.67 29.63 1.41
N GLN A 546 -11.89 29.68 1.38
CA GLN A 546 -10.92 28.63 0.68
CA GLN A 546 -11.17 28.66 0.62
C GLN A 546 -11.67 28.25 -0.60
C GLN A 546 -11.97 28.27 -0.61
N THR A 547 -10.91 28.01 -1.65
N THR A 547 -11.29 28.19 -1.74
CA THR A 547 -11.44 27.92 -3.00
CA THR A 547 -11.89 27.83 -3.01
C THR A 547 -10.67 26.87 -3.75
C THR A 547 -10.96 26.81 -3.67
N THR A 548 -11.36 26.11 -4.60
N THR A 548 -11.44 26.21 -4.77
CA THR A 548 -10.72 25.14 -5.47
CA THR A 548 -10.71 25.15 -5.45
C THR A 548 -10.67 25.72 -6.87
C THR A 548 -10.62 25.51 -6.93
N LEU A 549 -9.46 26.02 -7.33
CA LEU A 549 -9.25 26.44 -8.70
C LEU A 549 -9.18 25.20 -9.57
N GLU A 550 -9.79 25.26 -10.74
CA GLU A 550 -9.78 24.15 -11.68
C GLU A 550 -8.88 24.53 -12.83
N LEU A 551 -7.66 24.00 -12.83
CA LEU A 551 -6.72 24.17 -13.92
C LEU A 551 -6.94 23.03 -14.91
N THR A 552 -7.36 23.37 -16.12
CA THR A 552 -7.57 22.39 -17.17
C THR A 552 -6.71 22.62 -18.40
N LYS A 553 -6.13 23.80 -18.55
CA LYS A 553 -5.22 24.08 -19.65
C LYS A 553 -3.77 23.92 -19.18
N GLU A 554 -2.84 24.00 -20.14
CA GLU A 554 -1.43 23.98 -19.77
CA GLU A 554 -1.41 24.00 -19.80
C GLU A 554 -1.07 25.14 -18.85
N SER A 555 -1.75 26.26 -18.97
CA SER A 555 -1.54 27.37 -18.06
C SER A 555 -2.81 28.19 -17.98
N ASP A 556 -2.91 28.96 -16.91
CA ASP A 556 -4.09 29.79 -16.66
C ASP A 556 -3.71 30.80 -15.60
N THR A 557 -4.40 31.93 -15.61
CA THR A 557 -4.21 32.98 -14.61
C THR A 557 -5.50 33.16 -13.86
N PHE A 558 -5.45 33.04 -12.54
CA PHE A 558 -6.60 33.19 -11.65
C PHE A 558 -6.45 34.51 -10.91
N VAL A 559 -7.45 35.37 -11.04
CA VAL A 559 -7.40 36.72 -10.48
C VAL A 559 -8.39 36.83 -9.33
N PHE A 560 -7.99 37.56 -8.30
CA PHE A 560 -8.81 37.77 -7.11
C PHE A 560 -8.90 39.27 -6.86
N ASN A 561 -10.12 39.77 -6.70
CA ASN A 561 -10.31 41.18 -6.37
C ASN A 561 -10.50 41.35 -4.87
N ASN A 562 -10.40 42.60 -4.43
CA ASN A 562 -10.63 42.97 -3.03
C ASN A 562 -9.70 42.20 -2.10
N ILE A 563 -8.44 42.14 -2.50
CA ILE A 563 -7.36 41.59 -1.69
C ILE A 563 -6.60 42.79 -1.13
N ALA A 564 -6.80 43.05 0.16
CA ALA A 564 -6.48 44.36 0.73
C ALA A 564 -4.99 44.60 0.89
N VAL A 565 -4.21 43.54 1.01
CA VAL A 565 -2.75 43.62 1.12
C VAL A 565 -2.18 42.45 0.33
N LYS A 566 -0.89 42.53 0.04
CA LYS A 566 -0.23 41.45 -0.68
C LYS A 566 -0.27 40.18 0.16
N PRO A 567 -0.86 39.09 -0.33
CA PRO A 567 -0.98 37.87 0.47
C PRO A 567 0.19 36.93 0.24
N ILE A 568 0.23 35.89 1.06
CA ILE A 568 1.04 34.71 0.78
C ILE A 568 0.07 33.60 0.40
N PRO A 569 0.22 32.98 -0.76
CA PRO A 569 -0.74 31.97 -1.18
C PRO A 569 -0.49 30.65 -0.47
N SER A 570 -1.58 29.98 -0.09
CA SER A 570 -1.56 28.65 0.52
C SER A 570 -2.09 27.69 -0.52
N LEU A 571 -1.18 26.94 -1.15
CA LEU A 571 -1.45 26.24 -2.40
C LEU A 571 -1.54 24.74 -2.23
N PHE A 572 -2.54 24.14 -2.86
CA PHE A 572 -2.75 22.69 -2.83
C PHE A 572 -3.08 22.22 -1.40
N ARG A 573 -3.96 22.95 -0.74
CA ARG A 573 -4.38 22.57 0.60
C ARG A 573 -4.88 21.14 0.62
N GLY A 574 -4.47 20.40 1.65
CA GLY A 574 -4.81 19.01 1.77
C GLY A 574 -4.12 18.13 0.77
N PHE A 575 -3.15 18.68 0.04
CA PHE A 575 -2.49 18.05 -1.11
C PHE A 575 -3.55 17.65 -2.15
N SER A 576 -4.12 18.67 -2.80
CA SER A 576 -5.36 18.47 -3.56
C SER A 576 -5.17 17.84 -4.93
N ALA A 577 -3.94 17.63 -5.39
CA ALA A 577 -3.71 16.86 -6.60
C ALA A 577 -2.34 16.21 -6.48
N PRO A 578 -2.14 15.07 -7.13
CA PRO A 578 -0.87 14.33 -6.96
C PRO A 578 0.21 14.83 -7.92
N VAL A 579 0.85 15.93 -7.51
CA VAL A 579 1.74 16.69 -8.39
C VAL A 579 2.98 17.13 -7.63
N TYR A 580 4.01 17.51 -8.40
CA TYR A 580 5.14 18.25 -7.88
C TYR A 580 4.73 19.72 -7.80
N ILE A 581 4.82 20.30 -6.61
CA ILE A 581 4.41 21.67 -6.37
C ILE A 581 5.67 22.52 -6.36
N GLU A 582 5.70 23.52 -7.23
CA GLU A 582 6.78 24.49 -7.26
CA GLU A 582 6.79 24.51 -7.25
CA GLU A 582 6.78 24.50 -7.28
C GLU A 582 6.16 25.85 -6.89
N ASP A 583 6.24 26.18 -5.59
CA ASP A 583 5.50 27.34 -5.08
C ASP A 583 6.15 28.67 -5.42
N ASN A 584 7.41 28.69 -5.82
CA ASN A 584 8.15 29.90 -6.13
CA ASN A 584 8.07 29.94 -6.16
C ASN A 584 8.01 30.95 -5.02
N LEU A 585 7.94 30.47 -3.78
CA LEU A 585 7.91 31.32 -2.61
C LEU A 585 9.31 31.45 -2.02
N THR A 586 9.55 32.58 -1.35
CA THR A 586 10.79 32.74 -0.61
C THR A 586 10.72 31.94 0.68
N ASP A 587 11.87 31.70 1.28
CA ASP A 587 11.86 31.01 2.56
C ASP A 587 11.16 31.83 3.63
N GLU A 588 11.25 33.17 3.54
CA GLU A 588 10.53 34.02 4.47
CA GLU A 588 10.51 34.03 4.47
C GLU A 588 9.01 33.78 4.35
N GLU A 589 8.50 33.70 3.13
CA GLU A 589 7.09 33.43 2.93
C GLU A 589 6.71 32.04 3.43
N ARG A 590 7.57 31.05 3.16
CA ARG A 590 7.31 29.70 3.62
C ARG A 590 7.30 29.61 5.13
N ILE A 591 8.18 30.35 5.80
CA ILE A 591 8.19 30.37 7.26
C ILE A 591 6.88 30.92 7.79
N LEU A 592 6.34 31.96 7.15
CA LEU A 592 5.09 32.53 7.61
C LEU A 592 3.94 31.55 7.45
N LEU A 593 3.94 30.78 6.36
CA LEU A 593 2.91 29.76 6.21
C LEU A 593 3.10 28.68 7.26
N LEU A 594 4.34 28.24 7.46
CA LEU A 594 4.61 27.21 8.46
C LEU A 594 4.10 27.64 9.83
N LYS A 595 4.24 28.92 10.17
CA LYS A 595 3.81 29.38 11.48
C LYS A 595 2.31 29.59 11.55
N TYR A 596 1.70 30.16 10.51
CA TYR A 596 0.38 30.78 10.63
C TYR A 596 -0.71 30.20 9.73
N ASP A 597 -0.37 29.43 8.69
CA ASP A 597 -1.39 28.88 7.82
C ASP A 597 -2.28 27.92 8.61
N SER A 598 -3.50 27.75 8.11
CA SER A 598 -4.44 26.82 8.72
C SER A 598 -4.25 25.40 8.22
N ASP A 599 -3.75 25.21 7.01
CA ASP A 599 -3.75 23.89 6.40
C ASP A 599 -2.49 23.12 6.78
N ALA A 600 -2.68 21.96 7.40
CA ALA A 600 -1.54 21.17 7.87
C ALA A 600 -0.62 20.80 6.71
N PHE A 601 -1.20 20.36 5.59
CA PHE A 601 -0.33 19.98 4.48
C PHE A 601 0.50 21.15 3.99
N VAL A 602 -0.11 22.33 3.78
CA VAL A 602 0.67 23.44 3.27
C VAL A 602 1.76 23.85 4.25
N ARG A 603 1.45 23.84 5.55
CA ARG A 603 2.49 24.15 6.53
C ARG A 603 3.65 23.17 6.41
N TYR A 604 3.31 21.88 6.39
CA TYR A 604 4.33 20.85 6.28
CA TYR A 604 4.32 20.83 6.27
C TYR A 604 5.08 20.94 4.95
N ASN A 605 4.36 21.24 3.87
CA ASN A 605 5.02 21.34 2.58
C ASN A 605 5.92 22.54 2.52
N SER A 606 5.50 23.65 3.12
CA SER A 606 6.36 24.84 3.15
C SER A 606 7.67 24.52 3.88
N CYS A 607 7.58 23.79 4.98
CA CYS A 607 8.77 23.33 5.69
C CYS A 607 9.61 22.39 4.81
N THR A 608 8.96 21.42 4.17
CA THR A 608 9.65 20.52 3.24
C THR A 608 10.41 21.33 2.18
N ASN A 609 9.78 22.36 1.63
CA ASN A 609 10.41 23.11 0.56
C ASN A 609 11.62 23.90 1.06
N ILE A 610 11.57 24.43 2.28
CA ILE A 610 12.74 25.06 2.86
C ILE A 610 13.87 24.04 3.00
N TYR A 611 13.55 22.87 3.52
CA TYR A 611 14.57 21.84 3.65
C TYR A 611 15.14 21.46 2.30
N MET A 612 14.28 21.31 1.27
CA MET A 612 14.79 20.90 -0.04
C MET A 612 15.73 21.94 -0.63
N LYS A 613 15.39 23.22 -0.50
CA LYS A 613 16.29 24.25 -1.01
CA LYS A 613 16.29 24.25 -1.01
C LYS A 613 17.65 24.14 -0.33
N GLN A 614 17.65 23.95 0.99
CA GLN A 614 18.90 23.78 1.73
C GLN A 614 19.64 22.53 1.28
N ILE A 615 18.93 21.40 1.15
CA ILE A 615 19.56 20.14 0.78
C ILE A 615 20.22 20.25 -0.58
N LEU A 616 19.52 20.82 -1.56
CA LEU A 616 20.09 20.89 -2.90
C LEU A 616 21.31 21.80 -2.92
N MET A 617 21.28 22.87 -2.14
CA MET A 617 22.42 23.78 -2.09
CA MET A 617 22.42 23.78 -2.08
C MET A 617 23.64 23.11 -1.46
N ASN A 618 23.48 22.56 -0.26
CA ASN A 618 24.60 21.90 0.42
C ASN A 618 25.06 20.66 -0.35
N TYR A 619 24.14 19.90 -0.93
CA TYR A 619 24.53 18.76 -1.76
C TYR A 619 25.44 19.23 -2.88
N ASN A 620 25.07 20.30 -3.57
CA ASN A 620 25.91 20.79 -4.65
CA ASN A 620 25.93 20.76 -4.66
C ASN A 620 27.27 21.26 -4.16
N GLU A 621 27.32 21.87 -2.98
CA GLU A 621 28.57 22.37 -2.42
C GLU A 621 29.49 21.20 -2.07
N PHE A 622 28.95 20.18 -1.39
CA PHE A 622 29.74 18.98 -1.12
C PHE A 622 30.17 18.28 -2.41
N LEU A 623 29.28 18.24 -3.40
CA LEU A 623 29.57 17.53 -4.64
C LEU A 623 30.71 18.22 -5.38
N LYS A 624 30.66 19.54 -5.47
CA LYS A 624 31.73 20.28 -6.11
CA LYS A 624 31.74 20.27 -6.12
C LYS A 624 33.04 20.05 -5.39
N ALA A 625 33.02 20.08 -4.05
CA ALA A 625 34.23 19.89 -3.28
C ALA A 625 34.81 18.50 -3.50
N LYS A 626 33.94 17.51 -3.64
CA LYS A 626 34.40 16.16 -3.93
CA LYS A 626 34.40 16.16 -3.93
C LYS A 626 35.01 16.09 -5.32
N ASN A 627 34.28 16.59 -6.33
CA ASN A 627 34.74 16.45 -7.71
C ASN A 627 36.01 17.25 -7.98
N GLU A 628 36.11 18.45 -7.41
CA GLU A 628 37.25 19.33 -7.64
C GLU A 628 38.39 19.06 -6.67
N LYS A 629 38.22 18.08 -5.78
CA LYS A 629 39.23 17.72 -4.79
C LYS A 629 39.71 18.96 -4.05
N LEU A 630 38.76 19.75 -3.56
CA LEU A 630 39.10 20.98 -2.87
C LEU A 630 39.67 20.67 -1.49
N GLU A 631 40.65 21.47 -1.07
CA GLU A 631 41.20 21.36 0.27
C GLU A 631 40.43 22.18 1.28
N SER A 632 39.65 23.15 0.83
CA SER A 632 38.77 23.93 1.69
C SER A 632 37.64 24.46 0.83
N PHE A 633 36.52 24.75 1.47
CA PHE A 633 35.33 25.21 0.77
C PHE A 633 34.33 25.68 1.81
N ASN A 634 33.22 26.24 1.34
CA ASN A 634 32.17 26.76 2.21
C ASN A 634 30.90 25.96 2.05
N LEU A 635 30.12 25.93 3.12
CA LEU A 635 28.75 25.41 3.12
C LEU A 635 27.80 26.53 3.51
N THR A 636 26.68 26.60 2.82
CA THR A 636 25.64 27.58 3.14
C THR A 636 24.95 27.15 4.43
N PRO A 637 24.96 27.96 5.48
CA PRO A 637 24.28 27.57 6.72
C PRO A 637 22.77 27.47 6.54
N VAL A 638 22.16 26.74 7.47
CA VAL A 638 20.70 26.66 7.53
C VAL A 638 20.14 28.02 7.92
N ASN A 639 19.02 28.39 7.30
CA ASN A 639 18.38 29.68 7.57
C ASN A 639 18.02 29.82 9.05
N ALA A 640 18.52 30.89 9.67
CA ALA A 640 18.38 31.07 11.10
C ALA A 640 16.95 31.37 11.51
N GLN A 641 16.20 32.05 10.64
CA GLN A 641 14.80 32.33 10.93
C GLN A 641 13.97 31.05 10.83
N PHE A 642 14.35 30.14 9.93
CA PHE A 642 13.70 28.84 9.87
C PHE A 642 13.90 28.08 11.16
N ILE A 643 15.14 28.05 11.67
CA ILE A 643 15.40 27.37 12.93
C ILE A 643 14.60 28.03 14.07
N ASP A 644 14.55 29.37 14.08
CA ASP A 644 13.73 30.07 15.05
C ASP A 644 12.28 29.63 14.97
N ALA A 645 11.78 29.44 13.74
CA ALA A 645 10.38 29.06 13.57
C ALA A 645 10.13 27.66 14.10
N ILE A 646 11.06 26.72 13.85
CA ILE A 646 10.95 25.38 14.43
C ILE A 646 10.86 25.47 15.94
N LYS A 647 11.75 26.24 16.56
CA LYS A 647 11.73 26.42 18.00
C LYS A 647 10.40 26.96 18.46
N TYR A 648 9.88 27.97 17.75
N TYR A 648 9.87 27.98 17.79
CA TYR A 648 8.60 28.60 18.08
CA TYR A 648 8.60 28.54 18.21
C TYR A 648 7.48 27.58 18.10
C TYR A 648 7.52 27.46 18.19
N LEU A 649 7.41 26.73 17.08
CA LEU A 649 6.37 25.72 16.98
C LEU A 649 6.55 24.64 18.03
N LEU A 650 7.77 24.18 18.25
CA LEU A 650 7.99 23.12 19.22
CA LEU A 650 7.99 23.12 19.22
C LEU A 650 7.63 23.57 20.64
N GLU A 651 7.94 24.82 20.98
CA GLU A 651 7.72 25.33 22.34
C GLU A 651 6.27 25.73 22.60
N ASP A 652 5.42 25.72 21.59
CA ASP A 652 4.02 26.09 21.75
C ASP A 652 3.31 24.95 22.46
N PRO A 653 2.91 25.12 23.73
CA PRO A 653 2.27 24.01 24.45
C PRO A 653 0.93 23.62 23.87
N HIS A 654 0.29 24.49 23.10
CA HIS A 654 -1.02 24.23 22.53
C HIS A 654 -0.97 23.69 21.11
N ALA A 655 0.23 23.51 20.55
CA ALA A 655 0.37 22.99 19.21
C ALA A 655 0.44 21.47 19.24
N ASP A 656 0.14 20.87 18.10
CA ASP A 656 -0.09 19.44 17.98
C ASP A 656 1.22 18.67 17.89
N ALA A 657 1.37 17.65 18.75
CA ALA A 657 2.62 16.89 18.77
C ALA A 657 2.83 16.12 17.47
N GLY A 658 1.76 15.64 16.86
CA GLY A 658 1.90 14.91 15.62
C GLY A 658 2.54 15.76 14.54
N PHE A 659 2.05 17.00 14.39
CA PHE A 659 2.62 17.88 13.38
C PHE A 659 4.08 18.19 13.69
N LYS A 660 4.40 18.36 14.97
CA LYS A 660 5.76 18.72 15.36
C LYS A 660 6.77 17.67 14.92
N SER A 661 6.42 16.39 15.00
CA SER A 661 7.40 15.38 14.60
CA SER A 661 7.37 15.36 14.59
C SER A 661 7.77 15.50 13.12
N TYR A 662 6.87 16.04 12.30
CA TYR A 662 7.16 16.20 10.87
CA TYR A 662 7.19 16.15 10.88
C TYR A 662 8.17 17.30 10.61
N ILE A 663 8.18 18.34 11.45
CA ILE A 663 8.99 19.50 11.11
CA ILE A 663 8.98 19.53 11.16
C ILE A 663 10.45 19.34 11.53
N VAL A 664 10.75 18.46 12.49
CA VAL A 664 12.12 18.26 12.95
C VAL A 664 12.86 17.21 12.13
N SER A 665 12.22 16.58 11.17
CA SER A 665 12.86 15.57 10.34
C SER A 665 13.00 16.08 8.92
N LEU A 666 14.17 15.83 8.34
CA LEU A 666 14.35 16.17 6.95
C LEU A 666 13.50 15.27 6.06
N PRO A 667 13.23 15.70 4.83
N PRO A 667 13.20 15.70 4.84
CA PRO A 667 12.49 14.85 3.90
CA PRO A 667 12.52 14.82 3.89
C PRO A 667 13.17 13.49 3.71
C PRO A 667 13.30 13.53 3.69
N GLN A 668 12.37 12.51 3.33
N GLN A 668 12.58 12.42 3.59
CA GLN A 668 12.90 11.17 3.09
CA GLN A 668 13.24 11.14 3.42
C GLN A 668 13.84 11.15 1.89
C GLN A 668 13.95 11.07 2.08
N ASP A 669 14.81 10.24 1.95
N ASP A 669 14.93 10.15 2.00
CA ASP A 669 15.77 10.09 0.86
CA ASP A 669 15.80 10.07 0.84
C ASP A 669 15.08 9.79 -0.46
C ASP A 669 15.02 9.84 -0.46
N ARG A 670 14.02 8.97 -0.43
CA ARG A 670 13.29 8.66 -1.65
C ARG A 670 12.42 9.81 -2.15
N TYR A 671 12.21 10.84 -1.32
CA TYR A 671 11.66 12.09 -1.82
C TYR A 671 12.75 12.94 -2.42
N ILE A 672 13.86 13.09 -1.69
CA ILE A 672 14.99 13.92 -2.15
C ILE A 672 15.45 13.49 -3.53
N ILE A 673 15.50 12.19 -3.80
N ILE A 673 15.55 12.19 -3.76
CA ILE A 673 16.07 11.69 -5.04
CA ILE A 673 16.27 11.69 -4.94
C ILE A 673 15.28 12.16 -6.26
C ILE A 673 15.57 12.12 -6.22
N ASN A 674 14.01 12.54 -6.08
N ASN A 674 14.26 12.38 -6.17
CA ASN A 674 13.25 13.03 -7.21
CA ASN A 674 13.51 12.76 -7.36
C ASN A 674 13.83 14.34 -7.77
C ASN A 674 13.68 14.24 -7.71
N PHE A 675 14.68 15.01 -7.00
N PHE A 675 14.70 14.90 -7.15
CA PHE A 675 15.17 16.35 -7.35
CA PHE A 675 15.08 16.24 -7.54
C PHE A 675 16.65 16.38 -7.63
C PHE A 675 16.55 16.32 -7.92
N VAL A 676 17.30 15.23 -7.78
CA VAL A 676 18.74 15.18 -8.05
C VAL A 676 19.00 14.10 -9.10
N SER A 677 19.75 14.45 -10.15
CA SER A 677 20.18 13.44 -11.10
CA SER A 677 20.19 13.45 -11.10
C SER A 677 21.59 12.98 -10.73
N ASN A 678 21.85 11.71 -11.04
CA ASN A 678 23.16 11.10 -10.75
CA ASN A 678 23.13 11.07 -10.75
C ASN A 678 23.53 11.25 -9.28
N LEU A 679 22.57 10.95 -8.40
CA LEU A 679 22.73 11.23 -6.99
C LEU A 679 23.82 10.36 -6.37
N ASP A 680 24.81 11.04 -5.77
CA ASP A 680 25.85 10.40 -4.98
C ASP A 680 25.34 10.27 -3.54
N THR A 681 25.13 9.04 -3.10
CA THR A 681 24.48 8.80 -1.82
C THR A 681 25.37 9.18 -0.64
N ASP A 682 26.69 9.14 -0.80
CA ASP A 682 27.56 9.57 0.28
C ASP A 682 27.51 11.08 0.42
N VAL A 683 27.46 11.79 -0.71
CA VAL A 683 27.32 13.24 -0.67
C VAL A 683 26.00 13.62 -0.01
N LEU A 684 24.93 12.88 -0.32
CA LEU A 684 23.64 13.16 0.32
C LEU A 684 23.71 12.90 1.81
N ALA A 685 24.38 11.81 2.23
CA ALA A 685 24.48 11.54 3.66
C ALA A 685 25.23 12.65 4.37
N ASP A 686 26.32 13.15 3.77
CA ASP A 686 27.05 14.26 4.34
C ASP A 686 26.17 15.49 4.45
N THR A 687 25.36 15.74 3.41
CA THR A 687 24.45 16.89 3.39
C THR A 687 23.46 16.83 4.53
N LYS A 688 22.78 15.69 4.66
CA LYS A 688 21.79 15.57 5.72
CA LYS A 688 21.79 15.52 5.72
C LYS A 688 22.43 15.67 7.09
N GLU A 689 23.60 15.07 7.28
CA GLU A 689 24.25 15.16 8.58
C GLU A 689 24.60 16.61 8.92
N TYR A 690 25.10 17.36 7.95
CA TYR A 690 25.42 18.77 8.18
C TYR A 690 24.18 19.55 8.60
N ILE A 691 23.08 19.38 7.86
CA ILE A 691 21.86 20.14 8.16
C ILE A 691 21.32 19.77 9.54
N TYR A 692 21.27 18.48 9.85
CA TYR A 692 20.76 18.06 11.16
C TYR A 692 21.62 18.63 12.28
N LYS A 693 22.93 18.69 12.07
CA LYS A 693 23.82 19.18 13.12
CA LYS A 693 23.81 19.18 13.12
C LYS A 693 23.70 20.69 13.26
N GLN A 694 23.52 21.40 12.15
CA GLN A 694 23.27 22.84 12.21
C GLN A 694 22.05 23.13 13.07
N ILE A 695 20.98 22.39 12.84
CA ILE A 695 19.77 22.67 13.58
C ILE A 695 19.93 22.25 15.03
N GLY A 696 20.51 21.07 15.25
CA GLY A 696 20.69 20.58 16.61
C GLY A 696 21.59 21.45 17.44
N ASP A 697 22.64 22.01 16.82
CA ASP A 697 23.51 22.91 17.57
C ASP A 697 22.72 24.06 18.16
N LYS A 698 21.65 24.50 17.49
CA LYS A 698 20.79 25.54 18.00
C LYS A 698 19.68 25.01 18.91
N LEU A 699 19.10 23.84 18.62
CA LEU A 699 17.84 23.42 19.23
C LEU A 699 17.93 22.24 20.19
N ASN A 700 19.11 21.63 20.38
CA ASN A 700 19.15 20.42 21.20
C ASN A 700 18.63 20.66 22.61
N ASP A 701 18.90 21.82 23.20
CA ASP A 701 18.40 22.06 24.55
C ASP A 701 16.87 22.12 24.55
N VAL A 702 16.29 22.70 23.49
CA VAL A 702 14.84 22.71 23.33
C VAL A 702 14.32 21.29 23.19
N TYR A 703 14.99 20.50 22.35
CA TYR A 703 14.57 19.11 22.14
C TYR A 703 14.58 18.35 23.45
N TYR A 704 15.64 18.52 24.25
CA TYR A 704 15.75 17.78 25.50
C TYR A 704 14.63 18.20 26.46
N LYS A 705 14.40 19.51 26.60
CA LYS A 705 13.37 19.99 27.51
C LYS A 705 12.00 19.43 27.12
N MET A 706 11.72 19.39 25.81
CA MET A 706 10.46 18.82 25.35
CA MET A 706 10.46 18.83 25.34
C MET A 706 10.40 17.32 25.58
N PHE A 707 11.51 16.61 25.32
CA PHE A 707 11.51 15.17 25.57
C PHE A 707 11.14 14.89 27.01
N LYS A 708 11.69 15.66 27.96
CA LYS A 708 11.35 15.44 29.36
C LYS A 708 9.93 15.89 29.68
N SER A 709 9.49 17.03 29.14
CA SER A 709 8.19 17.57 29.54
C SER A 709 7.03 16.76 28.97
N LEU A 710 7.23 16.10 27.83
CA LEU A 710 6.20 15.27 27.22
C LEU A 710 6.00 13.93 27.91
N GLU A 711 6.92 13.52 28.79
CA GLU A 711 6.90 12.16 29.32
CA GLU A 711 6.90 12.16 29.32
C GLU A 711 5.58 11.84 29.99
N ALA A 712 5.10 12.73 30.87
CA ALA A 712 3.95 12.37 31.70
C ALA A 712 2.73 12.01 30.87
N LYS A 713 2.40 12.86 29.90
CA LYS A 713 1.22 12.61 29.08
C LYS A 713 1.48 11.53 28.04
N ALA A 714 2.69 11.51 27.45
CA ALA A 714 2.98 10.54 26.39
C ALA A 714 2.91 9.12 26.91
N ASP A 715 3.41 8.88 28.12
CA ASP A 715 3.57 7.54 28.64
C ASP A 715 2.54 7.19 29.71
N ASP A 716 1.54 8.04 29.91
CA ASP A 716 0.43 7.73 30.80
C ASP A 716 -0.21 6.40 30.42
N LEU A 717 -0.64 5.65 31.41
CA LEU A 717 -1.09 4.29 31.19
C LEU A 717 -2.60 4.16 31.11
N THR A 718 -3.34 5.26 30.97
CA THR A 718 -4.76 5.15 30.68
C THR A 718 -4.96 4.27 29.46
N TYR A 719 -5.91 3.34 29.55
CA TYR A 719 -6.28 2.44 28.47
C TYR A 719 -5.25 1.35 28.17
N PHE A 720 -4.23 1.17 29.01
CA PHE A 720 -3.21 0.16 28.70
C PHE A 720 -3.78 -1.26 28.70
N ASN A 721 -4.92 -1.48 29.38
CA ASN A 721 -5.58 -2.78 29.42
C ASN A 721 -6.80 -2.83 28.51
N ASP A 722 -7.02 -1.80 27.70
CA ASP A 722 -8.24 -1.65 26.91
C ASP A 722 -7.88 -1.71 25.45
N GLU A 723 -8.20 -2.82 24.80
CA GLU A 723 -7.93 -3.00 23.38
C GLU A 723 -9.07 -2.53 22.51
N SER A 724 -10.03 -1.79 23.07
CA SER A 724 -11.09 -1.21 22.28
C SER A 724 -10.95 0.29 22.10
N HIS A 725 -9.94 0.89 22.71
CA HIS A 725 -9.77 2.33 22.60
C HIS A 725 -8.29 2.66 22.43
N VAL A 726 -8.01 3.56 21.50
CA VAL A 726 -6.67 4.03 21.23
C VAL A 726 -6.69 5.54 21.22
N ASP A 727 -5.76 6.14 21.93
CA ASP A 727 -5.61 7.59 21.95
C ASP A 727 -4.52 7.93 20.92
N PHE A 728 -4.96 8.32 19.72
CA PHE A 728 -4.02 8.61 18.65
C PHE A 728 -3.22 9.87 18.91
N ASP A 729 -3.78 10.82 19.66
CA ASP A 729 -3.00 12.01 20.02
C ASP A 729 -1.88 11.66 20.97
N GLN A 730 -2.18 10.85 21.99
CA GLN A 730 -1.12 10.39 22.90
C GLN A 730 -0.06 9.64 22.13
N MET A 731 -0.47 8.78 21.19
CA MET A 731 0.50 8.07 20.39
CA MET A 731 0.49 8.06 20.39
C MET A 731 1.43 9.02 19.67
N ASN A 732 0.88 10.12 19.14
CA ASN A 732 1.72 11.09 18.45
C ASN A 732 2.69 11.78 19.41
N MET A 733 2.32 11.90 20.69
CA MET A 733 3.25 12.40 21.68
C MET A 733 4.43 11.46 21.86
N ARG A 734 4.18 10.14 21.88
CA ARG A 734 5.28 9.19 21.95
C ARG A 734 6.13 9.26 20.68
N THR A 735 5.50 9.39 19.51
CA THR A 735 6.27 9.54 18.28
C THR A 735 7.20 10.73 18.38
N LEU A 736 6.68 11.85 18.87
CA LEU A 736 7.52 13.04 19.00
C LEU A 736 8.67 12.79 19.95
N ARG A 737 8.38 12.20 21.13
CA ARG A 737 9.46 11.91 22.07
CA ARG A 737 9.46 11.92 22.07
C ARG A 737 10.51 11.01 21.44
N ASN A 738 10.08 9.99 20.69
CA ASN A 738 11.03 9.05 20.11
C ASN A 738 11.81 9.68 18.98
N THR A 739 11.21 10.63 18.26
CA THR A 739 11.94 11.36 17.24
C THR A 739 12.99 12.26 17.87
N LEU A 740 12.61 12.98 18.93
CA LEU A 740 13.57 13.85 19.61
C LEU A 740 14.70 13.05 20.23
N LEU A 741 14.38 11.89 20.80
CA LEU A 741 15.43 11.10 21.43
C LEU A 741 16.45 10.64 20.40
N SER A 742 16.00 10.31 19.20
CA SER A 742 16.91 9.93 18.13
C SER A 742 17.83 11.09 17.79
N LEU A 743 17.27 12.29 17.65
CA LEU A 743 18.10 13.44 17.32
C LEU A 743 19.12 13.72 18.40
N LEU A 744 18.70 13.63 19.66
CA LEU A 744 19.62 13.89 20.76
C LEU A 744 20.68 12.80 20.88
N SER A 745 20.31 11.56 20.56
CA SER A 745 21.27 10.47 20.63
CA SER A 745 21.27 10.47 20.63
C SER A 745 22.33 10.60 19.53
N LYS A 746 21.90 10.86 18.29
CA LYS A 746 22.87 11.07 17.21
CA LYS A 746 22.88 11.07 17.22
C LYS A 746 23.80 12.23 17.55
N ALA A 747 23.27 13.26 18.20
CA ALA A 747 24.06 14.43 18.57
C ALA A 747 25.00 14.18 19.74
N GLN A 748 24.89 13.03 20.41
CA GLN A 748 25.68 12.75 21.60
C GLN A 748 25.44 13.83 22.67
N TYR A 749 24.19 14.25 22.77
CA TYR A 749 23.84 15.24 23.78
C TYR A 749 24.31 14.76 25.15
N PRO A 750 24.89 15.62 25.98
CA PRO A 750 25.50 15.16 27.22
C PRO A 750 24.54 14.33 28.06
N ASN A 751 25.01 13.14 28.45
CA ASN A 751 24.34 12.24 29.37
C ASN A 751 23.03 11.68 28.84
N ILE A 752 22.78 11.78 27.54
CA ILE A 752 21.52 11.27 26.99
C ILE A 752 21.42 9.76 27.15
N LEU A 753 22.54 9.05 27.30
CA LEU A 753 22.46 7.61 27.53
C LEU A 753 21.66 7.28 28.77
N ASN A 754 21.69 8.16 29.78
CA ASN A 754 20.85 7.94 30.96
C ASN A 754 19.38 7.88 30.54
N GLU A 755 18.96 8.80 29.67
CA GLU A 755 17.58 8.81 29.22
CA GLU A 755 17.58 8.81 29.22
C GLU A 755 17.27 7.57 28.38
N ILE A 756 18.23 7.14 27.57
CA ILE A 756 18.05 5.95 26.74
C ILE A 756 17.80 4.73 27.63
N ILE A 757 18.66 4.56 28.65
CA ILE A 757 18.52 3.40 29.54
CA ILE A 757 18.51 3.40 29.53
C ILE A 757 17.18 3.42 30.26
N GLU A 758 16.77 4.59 30.76
CA GLU A 758 15.46 4.67 31.39
CA GLU A 758 15.46 4.67 31.39
C GLU A 758 14.34 4.38 30.39
N HIS A 759 14.49 4.88 29.17
CA HIS A 759 13.49 4.63 28.13
C HIS A 759 13.33 3.14 27.87
N SER A 760 14.42 2.37 27.98
CA SER A 760 14.37 0.94 27.75
C SER A 760 13.52 0.20 28.79
N LYS A 761 13.19 0.86 29.90
CA LYS A 761 12.39 0.26 30.96
C LYS A 761 10.91 0.58 30.83
N SER A 762 10.52 1.31 29.79
CA SER A 762 9.13 1.72 29.62
C SER A 762 8.26 0.52 29.28
N PRO A 763 7.00 0.50 29.72
CA PRO A 763 6.10 -0.59 29.32
C PRO A 763 5.70 -0.56 27.85
N TYR A 764 5.91 0.54 27.14
CA TYR A 764 5.41 0.66 25.78
C TYR A 764 6.46 0.13 24.81
N PRO A 765 6.14 -0.87 23.99
CA PRO A 765 7.13 -1.34 23.01
C PRO A 765 7.65 -0.26 22.09
N SER A 766 6.82 0.71 21.69
CA SER A 766 7.36 1.79 20.85
C SER A 766 8.56 2.43 21.53
N ASN A 767 8.50 2.58 22.86
CA ASN A 767 9.59 3.21 23.59
C ASN A 767 10.79 2.28 23.73
N TRP A 768 10.57 1.04 24.20
CA TRP A 768 11.73 0.20 24.45
C TRP A 768 12.38 -0.26 23.16
N LEU A 769 11.64 -0.38 22.06
CA LEU A 769 12.32 -0.62 20.79
C LEU A 769 13.05 0.63 20.30
N THR A 770 12.51 1.83 20.54
CA THR A 770 13.26 3.03 20.21
C THR A 770 14.58 3.07 20.99
N SER A 771 14.56 2.62 22.25
CA SER A 771 15.79 2.63 23.03
C SER A 771 16.88 1.82 22.35
N LEU A 772 16.52 0.71 21.71
CA LEU A 772 17.51 -0.06 20.95
C LEU A 772 18.04 0.77 19.78
N SER A 773 17.13 1.30 18.95
CA SER A 773 17.55 2.09 17.79
C SER A 773 18.54 3.18 18.19
N VAL A 774 18.15 4.00 19.17
CA VAL A 774 18.96 5.17 19.47
C VAL A 774 20.24 4.81 20.20
N SER A 775 20.28 3.62 20.83
CA SER A 775 21.50 3.20 21.50
C SER A 775 22.58 2.79 20.51
N ALA A 776 22.27 2.74 19.22
CA ALA A 776 23.28 2.39 18.22
C ALA A 776 24.49 3.30 18.32
N TYR A 777 24.30 4.54 18.79
CA TYR A 777 25.37 5.52 18.88
C TYR A 777 26.18 5.41 20.16
N PHE A 778 26.00 4.33 20.92
CA PHE A 778 26.62 4.16 22.22
C PHE A 778 27.11 2.73 22.39
N ASP A 779 27.97 2.58 23.40
CA ASP A 779 28.54 1.27 23.70
CA ASP A 779 28.55 1.29 23.75
C ASP A 779 27.54 0.32 24.35
N LYS A 780 26.37 0.81 24.74
N LYS A 780 26.36 0.79 24.74
CA LYS A 780 25.33 -0.03 25.32
CA LYS A 780 25.33 -0.06 25.33
C LYS A 780 24.48 -0.75 24.28
C LYS A 780 24.46 -0.74 24.29
N TYR A 781 24.73 -0.54 22.99
CA TYR A 781 23.87 -1.11 21.96
C TYR A 781 23.65 -2.61 22.13
N PHE A 782 24.73 -3.38 22.32
CA PHE A 782 24.53 -4.83 22.33
C PHE A 782 23.87 -5.29 23.63
N GLU A 783 24.06 -4.55 24.73
CA GLU A 783 23.31 -4.84 25.95
CA GLU A 783 23.31 -4.86 25.94
C GLU A 783 21.81 -4.67 25.70
N LEU A 784 21.42 -3.59 25.03
CA LEU A 784 20.02 -3.35 24.77
C LEU A 784 19.50 -4.28 23.68
N TYR A 785 20.37 -4.67 22.74
CA TYR A 785 20.02 -5.68 21.74
C TYR A 785 19.55 -6.96 22.44
N ASP A 786 20.32 -7.43 23.42
CA ASP A 786 19.95 -8.66 24.12
CA ASP A 786 19.95 -8.66 24.11
C ASP A 786 18.73 -8.46 25.00
N LYS A 787 18.65 -7.33 25.71
CA LYS A 787 17.49 -7.07 26.56
CA LYS A 787 17.49 -7.08 26.55
C LYS A 787 16.21 -7.08 25.72
N THR A 788 16.19 -6.31 24.64
CA THR A 788 14.97 -6.21 23.85
C THR A 788 14.69 -7.50 23.09
N TYR A 789 15.72 -8.25 22.69
CA TYR A 789 15.48 -9.56 22.09
C TYR A 789 14.71 -10.44 23.06
N LYS A 790 15.15 -10.46 24.31
CA LYS A 790 14.47 -11.28 25.32
CA LYS A 790 14.46 -11.29 25.31
C LYS A 790 13.03 -10.82 25.53
N LEU A 791 12.79 -9.51 25.46
CA LEU A 791 11.42 -9.01 25.58
C LEU A 791 10.55 -9.34 24.37
N SER A 792 11.15 -9.64 23.22
CA SER A 792 10.42 -9.79 21.97
C SER A 792 10.23 -11.24 21.55
N LYS A 793 11.10 -12.15 22.00
CA LYS A 793 11.26 -13.42 21.30
C LYS A 793 10.07 -14.34 21.44
N ASP A 794 9.20 -14.13 22.42
CA ASP A 794 8.08 -15.04 22.67
C ASP A 794 6.81 -14.64 21.95
N ASP A 795 6.83 -13.58 21.15
CA ASP A 795 5.69 -13.15 20.38
C ASP A 795 6.18 -12.98 18.94
N GLU A 796 5.57 -13.74 18.02
CA GLU A 796 6.06 -13.81 16.65
C GLU A 796 6.15 -12.43 16.02
N LEU A 797 5.13 -11.61 16.20
CA LEU A 797 5.08 -10.30 15.54
C LEU A 797 5.98 -9.29 16.23
N LEU A 798 6.08 -9.38 17.56
CA LEU A 798 7.00 -8.50 18.28
C LEU A 798 8.44 -8.81 17.91
N LEU A 799 8.75 -10.09 17.70
CA LEU A 799 10.11 -10.45 17.30
C LEU A 799 10.41 -9.90 15.91
N GLN A 800 9.42 -9.91 15.01
CA GLN A 800 9.59 -9.29 13.70
C GLN A 800 9.82 -7.78 13.83
N GLU A 801 9.15 -7.13 14.76
CA GLU A 801 9.40 -5.71 15.00
CA GLU A 801 9.41 -5.70 14.96
C GLU A 801 10.82 -5.49 15.52
N TRP A 802 11.30 -6.40 16.36
CA TRP A 802 12.67 -6.33 16.85
C TRP A 802 13.65 -6.50 15.69
N LEU A 803 13.40 -7.45 14.79
CA LEU A 803 14.24 -7.62 13.62
C LEU A 803 14.32 -6.34 12.81
N LYS A 804 13.18 -5.69 12.57
CA LYS A 804 13.19 -4.43 11.82
C LYS A 804 14.02 -3.38 12.55
N THR A 805 13.90 -3.34 13.88
CA THR A 805 14.63 -2.34 14.66
C THR A 805 16.13 -2.55 14.53
N VAL A 806 16.56 -3.80 14.53
CA VAL A 806 17.99 -4.08 14.36
C VAL A 806 18.41 -3.73 12.94
N SER A 807 17.62 -4.18 11.96
CA SER A 807 17.95 -4.00 10.56
C SER A 807 18.14 -2.53 10.22
N ARG A 808 17.35 -1.65 10.83
CA ARG A 808 17.45 -0.22 10.55
CA ARG A 808 17.39 -0.21 10.60
C ARG A 808 18.41 0.51 11.47
N SER A 809 19.04 -0.18 12.41
CA SER A 809 19.94 0.46 13.36
C SER A 809 21.10 1.12 12.63
N ASP A 810 21.44 2.35 13.04
CA ASP A 810 22.52 3.10 12.40
C ASP A 810 23.85 2.66 12.99
N ARG A 811 24.32 1.51 12.54
CA ARG A 811 25.51 0.86 13.08
C ARG A 811 26.56 0.74 11.99
N LYS A 812 27.80 1.07 12.34
CA LYS A 812 28.88 0.89 11.39
C LYS A 812 29.13 -0.58 11.10
N ASP A 813 28.80 -1.46 12.06
CA ASP A 813 28.95 -2.91 11.93
C ASP A 813 27.67 -3.59 11.48
N ILE A 814 26.81 -2.88 10.75
CA ILE A 814 25.51 -3.45 10.39
C ILE A 814 25.66 -4.74 9.60
N TYR A 815 26.69 -4.85 8.74
CA TYR A 815 26.80 -6.06 7.95
C TYR A 815 27.10 -7.27 8.81
N GLU A 816 27.91 -7.10 9.85
CA GLU A 816 28.14 -8.20 10.78
CA GLU A 816 28.13 -8.22 10.77
C GLU A 816 26.89 -8.50 11.60
N ILE A 817 26.09 -7.47 11.90
CA ILE A 817 24.85 -7.67 12.63
C ILE A 817 23.86 -8.46 11.79
N LEU A 818 23.76 -8.16 10.49
CA LEU A 818 22.88 -8.93 9.62
C LEU A 818 23.27 -10.40 9.62
N LYS A 819 24.58 -10.69 9.57
CA LYS A 819 25.00 -12.09 9.62
CA LYS A 819 25.02 -12.08 9.62
C LYS A 819 24.58 -12.74 10.93
N LYS A 820 24.65 -11.98 12.02
CA LYS A 820 24.22 -12.49 13.32
C LYS A 820 22.72 -12.79 13.31
N LEU A 821 21.91 -11.91 12.74
CA LEU A 821 20.48 -12.18 12.63
C LEU A 821 20.23 -13.43 11.79
N GLU A 822 20.93 -13.54 10.66
CA GLU A 822 20.78 -14.71 9.80
C GLU A 822 21.09 -15.98 10.59
N ASN A 823 22.20 -16.00 11.31
CA ASN A 823 22.66 -17.22 11.95
C ASN A 823 21.84 -17.56 13.19
N GLU A 824 21.34 -16.55 13.89
CA GLU A 824 20.76 -16.75 15.22
C GLU A 824 19.25 -16.67 15.28
N VAL A 825 18.60 -15.93 14.37
CA VAL A 825 17.17 -15.67 14.47
C VAL A 825 16.41 -16.04 13.19
N LEU A 826 16.86 -15.51 12.05
CA LEU A 826 16.15 -15.76 10.80
C LEU A 826 16.33 -17.20 10.36
N LYS A 827 17.58 -17.66 10.31
CA LYS A 827 17.92 -19.04 9.95
C LYS A 827 17.22 -19.37 8.63
N ASP A 828 16.48 -20.48 8.55
CA ASP A 828 15.92 -20.97 7.30
C ASP A 828 14.45 -20.61 7.14
N SER A 829 13.96 -19.62 7.89
CA SER A 829 12.56 -19.25 7.79
C SER A 829 12.18 -18.88 6.36
N LYS A 830 11.02 -19.39 5.92
CA LYS A 830 10.40 -18.96 4.68
C LYS A 830 9.24 -18.00 4.93
N ASN A 831 9.08 -17.51 6.15
CA ASN A 831 8.00 -16.58 6.47
C ASN A 831 8.33 -15.23 5.86
N PRO A 832 7.50 -14.70 4.96
CA PRO A 832 7.83 -13.39 4.35
C PRO A 832 8.07 -12.29 5.36
N ASN A 833 7.32 -12.29 6.47
CA ASN A 833 7.51 -11.25 7.46
C ASN A 833 8.91 -11.28 8.06
N ASP A 834 9.47 -12.48 8.24
CA ASP A 834 10.81 -12.60 8.80
C ASP A 834 11.84 -12.07 7.81
N ILE A 835 11.74 -12.49 6.55
CA ILE A 835 12.72 -12.11 5.54
C ILE A 835 12.67 -10.61 5.30
N ARG A 836 11.46 -10.07 5.13
CA ARG A 836 11.34 -8.64 4.88
C ARG A 836 11.81 -7.82 6.06
N ALA A 837 11.62 -8.32 7.28
CA ALA A 837 12.01 -7.56 8.46
C ALA A 837 13.53 -7.48 8.57
N VAL A 838 14.22 -8.55 8.20
CA VAL A 838 15.68 -8.57 8.33
C VAL A 838 16.32 -7.65 7.32
N TYR A 839 15.81 -7.59 6.08
CA TYR A 839 16.56 -6.97 4.99
C TYR A 839 16.03 -5.61 4.55
N LEU A 840 14.72 -5.39 4.55
CA LEU A 840 14.24 -4.16 3.92
C LEU A 840 14.65 -2.91 4.67
N PRO A 841 14.57 -2.85 6.01
CA PRO A 841 14.95 -1.60 6.67
C PRO A 841 16.41 -1.24 6.40
N PHE A 842 17.26 -2.25 6.43
CA PHE A 842 18.68 -2.05 6.11
C PHE A 842 18.87 -1.42 4.74
N THR A 843 18.04 -1.77 3.75
CA THR A 843 18.22 -1.21 2.42
C THR A 843 17.96 0.29 2.37
N ASN A 844 17.39 0.87 3.42
CA ASN A 844 17.23 2.32 3.49
C ASN A 844 18.34 3.00 4.25
N ASN A 845 19.35 2.26 4.70
CA ASN A 845 20.55 2.83 5.32
C ASN A 845 21.38 3.44 4.21
N LEU A 846 21.36 4.77 4.11
CA LEU A 846 21.96 5.43 2.96
C LEU A 846 23.45 5.15 2.86
N ARG A 847 24.18 5.25 3.97
CA ARG A 847 25.63 5.06 3.92
C ARG A 847 26.01 3.59 3.74
N ARG A 848 25.29 2.68 4.39
CA ARG A 848 25.71 1.28 4.43
C ARG A 848 25.20 0.50 3.23
N PHE A 849 23.90 0.57 2.93
CA PHE A 849 23.39 -0.19 1.80
C PHE A 849 24.03 0.23 0.49
N HIS A 850 24.28 1.54 0.33
CA HIS A 850 24.86 2.09 -0.89
C HIS A 850 26.37 2.19 -0.83
N ASP A 851 27.01 1.44 0.06
CA ASP A 851 28.46 1.40 0.15
C ASP A 851 29.04 1.24 -1.25
N ILE A 852 30.03 2.08 -1.57
CA ILE A 852 30.52 2.20 -2.93
C ILE A 852 31.16 0.91 -3.44
N SER A 853 31.48 -0.02 -2.54
CA SER A 853 31.97 -1.32 -2.97
C SER A 853 30.90 -2.13 -3.70
N GLY A 854 29.62 -1.77 -3.53
CA GLY A 854 28.53 -2.59 -4.03
C GLY A 854 28.15 -3.75 -3.14
N LYS A 855 28.75 -3.87 -1.95
CA LYS A 855 28.50 -5.03 -1.10
C LYS A 855 27.05 -5.11 -0.65
N GLY A 856 26.36 -3.98 -0.53
CA GLY A 856 24.95 -4.03 -0.15
C GLY A 856 24.07 -4.51 -1.29
N TYR A 857 24.39 -4.08 -2.51
CA TYR A 857 23.67 -4.55 -3.68
C TYR A 857 23.87 -6.06 -3.86
N LYS A 858 25.09 -6.53 -3.62
CA LYS A 858 25.37 -7.96 -3.72
C LYS A 858 24.57 -8.74 -2.67
N LEU A 859 24.56 -8.24 -1.43
CA LEU A 859 23.86 -8.93 -0.36
CA LEU A 859 23.86 -8.93 -0.36
C LEU A 859 22.38 -9.09 -0.68
N ILE A 860 21.72 -8.01 -1.08
CA ILE A 860 20.27 -8.09 -1.30
CA ILE A 860 20.27 -8.09 -1.30
C ILE A 860 19.97 -8.93 -2.53
N ALA A 861 20.82 -8.84 -3.57
CA ALA A 861 20.57 -9.65 -4.76
C ALA A 861 20.69 -11.14 -4.43
N GLU A 862 21.62 -11.50 -3.56
CA GLU A 862 21.71 -12.89 -3.10
C GLU A 862 20.43 -13.33 -2.43
N VAL A 863 19.87 -12.48 -1.57
CA VAL A 863 18.60 -12.80 -0.89
C VAL A 863 17.46 -12.91 -1.89
N ILE A 864 17.40 -12.00 -2.87
CA ILE A 864 16.35 -12.04 -3.87
C ILE A 864 16.39 -13.36 -4.63
N THR A 865 17.57 -13.72 -5.12
CA THR A 865 17.72 -14.94 -5.91
C THR A 865 17.40 -16.18 -5.06
N LYS A 866 17.85 -16.19 -3.82
CA LYS A 866 17.52 -17.30 -2.92
C LYS A 866 16.01 -17.40 -2.69
N THR A 867 15.37 -16.26 -2.48
CA THR A 867 13.94 -16.26 -2.17
C THR A 867 13.12 -16.64 -3.40
N ASP A 868 13.57 -16.27 -4.58
CA ASP A 868 12.80 -16.50 -5.79
C ASP A 868 12.59 -17.99 -6.06
N LYS A 869 13.43 -18.84 -5.47
CA LYS A 869 13.30 -20.28 -5.67
C LYS A 869 12.14 -20.87 -4.88
N PHE A 870 11.54 -20.11 -3.96
CA PHE A 870 10.36 -20.60 -3.27
C PHE A 870 9.22 -19.59 -3.15
N ASN A 871 9.47 -18.30 -3.31
CA ASN A 871 8.41 -17.30 -3.23
C ASN A 871 8.72 -16.15 -4.18
N PRO A 872 8.32 -16.28 -5.45
CA PRO A 872 8.59 -15.22 -6.43
C PRO A 872 8.01 -13.87 -6.06
N MET A 873 6.82 -13.82 -5.46
CA MET A 873 6.24 -12.52 -5.12
CA MET A 873 6.26 -12.51 -5.14
C MET A 873 7.13 -11.78 -4.12
N VAL A 874 7.57 -12.47 -3.09
CA VAL A 874 8.39 -11.83 -2.07
C VAL A 874 9.77 -11.48 -2.62
N ALA A 875 10.33 -12.36 -3.46
CA ALA A 875 11.60 -12.03 -4.10
C ALA A 875 11.48 -10.71 -4.85
N THR A 876 10.38 -10.50 -5.55
CA THR A 876 10.21 -9.27 -6.31
CA THR A 876 10.21 -9.26 -6.31
C THR A 876 10.02 -8.07 -5.38
N GLN A 877 9.33 -8.28 -4.26
CA GLN A 877 9.22 -7.21 -3.25
C GLN A 877 10.60 -6.79 -2.76
N LEU A 878 11.52 -7.75 -2.61
CA LEU A 878 12.86 -7.45 -2.12
C LEU A 878 13.70 -6.69 -3.15
N CYS A 879 13.23 -6.59 -4.39
CA CYS A 879 13.89 -5.81 -5.42
CA CYS A 879 13.93 -5.82 -5.39
C CYS A 879 13.68 -4.32 -5.27
N GLU A 880 12.79 -3.91 -4.37
CA GLU A 880 12.42 -2.50 -4.21
CA GLU A 880 12.42 -2.50 -4.24
C GLU A 880 13.62 -1.54 -4.25
N PRO A 881 14.72 -1.78 -3.55
CA PRO A 881 15.80 -0.80 -3.54
C PRO A 881 16.43 -0.57 -4.90
N PHE A 882 16.33 -1.50 -5.82
CA PHE A 882 16.90 -1.30 -7.15
C PHE A 882 16.07 -0.37 -8.02
N LYS A 883 14.87 0.02 -7.58
CA LYS A 883 13.98 0.78 -8.46
CA LYS A 883 13.99 0.77 -8.47
C LYS A 883 14.58 2.12 -8.86
N LEU A 884 15.42 2.71 -7.99
CA LEU A 884 16.02 4.00 -8.26
C LEU A 884 17.39 3.91 -8.92
N TRP A 885 17.76 2.75 -9.48
CA TRP A 885 19.13 2.54 -9.93
C TRP A 885 19.59 3.64 -10.88
N ASN A 886 18.73 4.05 -11.81
CA ASN A 886 19.17 4.98 -12.86
C ASN A 886 19.14 6.42 -12.40
N LYS A 887 18.84 6.66 -11.13
CA LYS A 887 18.90 7.98 -10.52
CA LYS A 887 18.92 7.99 -10.56
C LYS A 887 20.19 8.22 -9.77
N LEU A 888 21.01 7.19 -9.56
CA LEU A 888 22.22 7.31 -8.77
C LEU A 888 23.39 7.72 -9.65
N ASP A 889 24.50 8.03 -8.99
CA ASP A 889 25.73 8.31 -9.71
C ASP A 889 26.11 7.11 -10.59
N THR A 890 26.92 7.38 -11.62
CA THR A 890 27.11 6.37 -12.66
C THR A 890 27.87 5.14 -12.14
N LYS A 891 28.69 5.29 -11.10
CA LYS A 891 29.34 4.10 -10.54
CA LYS A 891 29.35 4.12 -10.53
C LYS A 891 28.33 3.20 -9.86
N ARG A 892 27.44 3.76 -9.05
CA ARG A 892 26.40 2.95 -8.44
C ARG A 892 25.42 2.41 -9.46
N GLN A 893 25.11 3.16 -10.52
CA GLN A 893 24.28 2.61 -11.59
C GLN A 893 24.88 1.33 -12.12
N GLU A 894 26.19 1.34 -12.38
CA GLU A 894 26.83 0.16 -12.94
C GLU A 894 26.80 -1.01 -11.96
N LEU A 895 27.07 -0.74 -10.68
CA LEU A 895 27.04 -1.81 -9.69
C LEU A 895 25.66 -2.42 -9.57
N MET A 896 24.63 -1.59 -9.54
CA MET A 896 23.27 -2.13 -9.45
C MET A 896 22.90 -2.87 -10.71
N LEU A 897 23.23 -2.30 -11.87
CA LEU A 897 22.89 -2.99 -13.11
CA LEU A 897 22.92 -2.98 -13.13
C LEU A 897 23.59 -4.34 -13.19
N ASN A 898 24.84 -4.43 -12.74
CA ASN A 898 25.53 -5.72 -12.77
CA ASN A 898 25.53 -5.71 -12.79
C ASN A 898 24.79 -6.74 -11.92
N GLU A 899 24.36 -6.35 -10.72
CA GLU A 899 23.63 -7.30 -9.90
C GLU A 899 22.29 -7.68 -10.52
N MET A 900 21.59 -6.72 -11.11
CA MET A 900 20.31 -7.06 -11.73
C MET A 900 20.49 -7.99 -12.91
N ASN A 901 21.51 -7.75 -13.73
CA ASN A 901 21.76 -8.63 -14.85
C ASN A 901 22.17 -10.02 -14.38
N THR A 902 22.91 -10.11 -13.27
CA THR A 902 23.24 -11.42 -12.72
C THR A 902 21.99 -12.13 -12.23
N MET A 903 21.08 -11.42 -11.57
CA MET A 903 19.82 -12.05 -11.16
C MET A 903 19.07 -12.58 -12.38
N LEU A 904 19.05 -11.81 -13.47
CA LEU A 904 18.33 -12.22 -14.67
C LEU A 904 18.93 -13.47 -15.32
N GLN A 905 20.20 -13.76 -15.06
CA GLN A 905 20.85 -14.93 -15.63
C GLN A 905 20.61 -16.18 -14.80
N GLU A 906 19.95 -16.06 -13.66
CA GLU A 906 19.79 -17.22 -12.79
C GLU A 906 18.88 -18.26 -13.47
N PRO A 907 19.28 -19.52 -13.51
CA PRO A 907 18.41 -20.55 -14.09
C PRO A 907 17.08 -20.64 -13.34
N ASN A 908 16.00 -20.83 -14.09
CA ASN A 908 14.66 -21.04 -13.55
C ASN A 908 14.12 -19.82 -12.82
N ILE A 909 14.63 -18.64 -13.14
CA ILE A 909 14.09 -17.42 -12.58
C ILE A 909 12.59 -17.37 -12.83
N SER A 910 11.86 -16.88 -11.85
CA SER A 910 10.40 -16.81 -11.95
C SER A 910 9.99 -15.77 -12.99
N ASN A 911 8.81 -15.98 -13.56
CA ASN A 911 8.23 -14.95 -14.42
C ASN A 911 8.09 -13.62 -13.68
N ASN A 912 7.71 -13.67 -12.40
CA ASN A 912 7.54 -12.45 -11.62
C ASN A 912 8.82 -11.64 -11.63
N LEU A 913 9.93 -12.28 -11.24
CA LEU A 913 11.17 -11.55 -11.07
C LEU A 913 11.75 -11.17 -12.43
N LYS A 914 11.64 -12.05 -13.41
CA LYS A 914 12.16 -11.76 -14.73
C LYS A 914 11.44 -10.57 -15.37
N GLU A 915 10.10 -10.56 -15.35
CA GLU A 915 9.38 -9.40 -15.87
C GLU A 915 9.81 -8.13 -15.15
N TYR A 916 9.88 -8.19 -13.82
CA TYR A 916 10.21 -6.99 -13.05
C TYR A 916 11.56 -6.44 -13.46
N LEU A 917 12.58 -7.30 -13.51
CA LEU A 917 13.93 -6.82 -13.80
C LEU A 917 14.10 -6.43 -15.26
N LEU A 918 13.44 -7.12 -16.19
CA LEU A 918 13.52 -6.71 -17.59
C LEU A 918 12.91 -5.32 -17.77
N ARG A 919 11.75 -5.08 -17.16
CA ARG A 919 11.14 -3.76 -17.26
C ARG A 919 12.03 -2.71 -16.61
N LEU A 920 12.56 -3.02 -15.43
CA LEU A 920 13.34 -2.04 -14.68
C LEU A 920 14.64 -1.67 -15.40
N THR A 921 15.23 -2.62 -16.14
CA THR A 921 16.46 -2.36 -16.87
C THR A 921 16.22 -1.96 -18.33
N ASN A 922 14.98 -1.58 -18.68
CA ASN A 922 14.68 -1.05 -20.00
C ASN A 922 14.80 -2.10 -21.11
N LYS A 923 14.58 -3.37 -20.76
CA LYS A 923 14.57 -4.44 -21.75
C LYS A 923 13.16 -4.86 -22.16
N LEU A 924 12.14 -4.43 -21.43
CA LEU A 924 10.76 -4.82 -21.72
C LEU A 924 9.83 -3.62 -21.58
#